data_5GZ5
#
_entry.id   5GZ5
#
_cell.length_a   171.207
_cell.length_b   65.612
_cell.length_c   88.675
_cell.angle_alpha   90.00
_cell.angle_beta   90.00
_cell.angle_gamma   90.00
#
_symmetry.space_group_name_H-M   'P 21 21 2'
#
loop_
_entity.id
_entity.type
_entity.pdbx_description
1 polymer 'Snake venom phosphodiesterase (PDE)'
2 branched alpha-D-mannopyranose-(1-3)-beta-D-mannopyranose-(1-4)-2-acetamido-2-deoxy-beta-D-glucopyranose-(1-4)-2-acetamido-2-deoxy-beta-D-glucopyranose
3 branched 2-acetamido-2-deoxy-beta-D-glucopyranose-(1-4)-[alpha-L-fucopyranose-(1-6)]2-acetamido-2-deoxy-beta-D-glucopyranose
4 branched alpha-L-fucopyranose-(1-6)-2-acetamido-2-deoxy-beta-D-glucopyranose
5 non-polymer 2-acetamido-2-deoxy-beta-D-glucopyranose
6 non-polymer 'ZINC ION'
7 non-polymer 'CALCIUM ION'
8 non-polymer 'ADENOSINE MONOPHOSPHATE'
9 water water
#
_entity_poly.entity_id   1
_entity_poly.type   'polypeptide(L)'
_entity_poly.pdbx_seq_one_letter_code
;LKQSKQPLESCRNRCNETFSEELSYCSCDNKCTERKACCWDYQDICVLPTQSWSCNKLRCGEKRMANVLCSCSEDCLTKK
DCCTDYKSICKRETSWLKDQCASSSASQCPEGFDQSPLILFSMDGFRAEYLETWDTLMPNINKLKTCGTHAKYMRAVYPT
KTFVNHYTIVTGLYAETHGIIDNNMYDVKLNQNFSLSGSNMRNAAWWGGQPIWHTASYQGLKAATYFWPGSEVKINGSYP
TIYKVYNKSTPFEARVMEVLKWLDLPKAKRPDFSTLYIEEPDTTGHKFGPVSGQVIKSLQMADRTLGMLMEGLKQRNLHN
CVNLILLADHGMEAISCNRLEYMTDYFNTVDFFMYEGAAPRIRSKNVPKDFYTFDSEAIVKKLTCRKPKQHFKAYLAKDL
PKRLHFANNIRIDKVNLMVDRQWLAVRNKKYKYCSGGTHGYDNEFKSMEAIFLAHGPGFKEKTEVTSFENIEVYNLMCDL
LKLKPAPNNGTHGSLNHLLKNPFYNPSPAKEQSPPLYCLFGPVPSPDVSGCKCSSITDLEAVNQRLNLIDQAKMQSEADN
LPYGRPHVLQHSKYCLLHQTKYISAYSQDILMPLWNSYTISKSLVKPTSAPPSASDCLRLDVRIPTVQSQTCSNYQPDLA
ITPGFLYPPDFSSSGPEQYDALITSNIVPMYKEFARLWNYFHSTLLPKYATERNGLNVISGPIFDYNYDGHFDPYDTIDQ
YVNNTKIPIPTHYFVVLTSCENSTKTPLNCPPGSLKVLSFILPHRPDNSESCADKSPDNLWVEERMQTHTARVRDVELLT
GLDFYSALKQPLSETLRLKTFLPIFINSVN
;
_entity_poly.pdbx_strand_id   A
#
loop_
_chem_comp.id
_chem_comp.type
_chem_comp.name
_chem_comp.formula
AMP non-polymer 'ADENOSINE MONOPHOSPHATE' 'C10 H14 N5 O7 P'
BMA D-saccharide, beta linking beta-D-mannopyranose 'C6 H12 O6'
CA non-polymer 'CALCIUM ION' 'Ca 2'
FUC L-saccharide, alpha linking alpha-L-fucopyranose 'C6 H12 O5'
MAN D-saccharide, alpha linking alpha-D-mannopyranose 'C6 H12 O6'
NAG D-saccharide, beta linking 2-acetamido-2-deoxy-beta-D-glucopyranose 'C8 H15 N O6'
ZN non-polymer 'ZINC ION' 'Zn 2'
#
# COMPACT_ATOMS: atom_id res chain seq x y z
N TYR A 42 -57.10 -5.41 -4.84
CA TYR A 42 -55.64 -5.29 -4.96
C TYR A 42 -55.01 -4.72 -3.71
N GLN A 43 -55.24 -5.37 -2.56
CA GLN A 43 -54.59 -4.92 -1.35
C GLN A 43 -53.10 -5.04 -1.65
N ASP A 44 -52.63 -6.22 -2.06
CA ASP A 44 -51.18 -6.38 -2.13
C ASP A 44 -50.34 -5.22 -2.66
N ILE A 45 -50.72 -4.64 -3.80
CA ILE A 45 -49.85 -3.58 -4.28
C ILE A 45 -50.08 -2.29 -3.49
N CYS A 46 -51.11 -2.23 -2.63
CA CYS A 46 -51.14 -1.23 -1.57
C CYS A 46 -51.19 -1.84 -0.17
N VAL A 47 -50.74 -3.09 -0.03
CA VAL A 47 -50.09 -3.54 1.21
C VAL A 47 -48.58 -3.48 1.09
N LEU A 48 -48.10 -3.16 -0.10
CA LEU A 48 -46.65 -3.02 -0.31
C LEU A 48 -45.98 -1.95 0.51
N PRO A 49 -46.44 -0.71 0.43
CA PRO A 49 -45.88 0.35 1.28
C PRO A 49 -45.49 -0.11 2.70
N THR A 50 -46.32 -0.86 3.43
CA THR A 50 -45.92 -1.26 4.75
C THR A 50 -44.69 -2.16 4.75
N GLN A 51 -44.28 -2.69 3.60
CA GLN A 51 -43.08 -3.52 3.52
C GLN A 51 -42.13 -3.19 2.37
N SER A 52 -42.43 -2.19 1.52
CA SER A 52 -41.59 -1.86 0.38
C SER A 52 -41.24 -0.38 0.36
N TRP A 53 -40.10 -0.06 -0.28
CA TRP A 53 -39.55 1.29 -0.32
C TRP A 53 -39.68 1.94 -1.70
N SER A 54 -40.62 1.49 -2.52
CA SER A 54 -40.74 1.94 -3.90
C SER A 54 -42.17 2.35 -4.23
N CYS A 55 -42.31 3.30 -5.16
CA CYS A 55 -43.53 4.13 -5.32
C CYS A 55 -44.54 3.53 -6.29
N ASN A 56 -44.93 2.26 -6.09
CA ASN A 56 -45.55 1.47 -7.15
C ASN A 56 -46.64 2.22 -7.92
N LYS A 57 -46.86 1.75 -9.15
CA LYS A 57 -47.67 2.43 -10.14
C LYS A 57 -49.05 2.82 -9.62
N LEU A 58 -49.66 1.97 -8.81
CA LEU A 58 -51.03 2.26 -8.40
C LEU A 58 -51.09 3.32 -7.31
N ARG A 59 -50.05 3.44 -6.50
CA ARG A 59 -50.09 4.34 -5.35
C ARG A 59 -49.65 5.76 -5.67
N CYS A 60 -49.52 6.12 -6.93
CA CYS A 60 -49.17 7.50 -7.23
C CYS A 60 -50.35 8.41 -6.92
N GLY A 61 -50.31 9.10 -5.79
CA GLY A 61 -51.40 9.94 -5.32
C GLY A 61 -52.05 9.45 -4.05
N GLU A 62 -51.60 8.31 -3.54
CA GLU A 62 -52.30 7.52 -2.53
C GLU A 62 -52.59 8.34 -1.27
N LYS A 63 -53.35 7.73 -0.36
CA LYS A 63 -53.73 8.37 0.87
C LYS A 63 -52.84 7.92 2.02
N ARG A 64 -52.25 8.90 2.72
CA ARG A 64 -51.33 8.64 3.82
C ARG A 64 -52.00 7.85 4.94
N MET A 65 -51.36 6.75 5.35
CA MET A 65 -51.87 5.93 6.44
C MET A 65 -50.72 5.54 7.37
N ALA A 66 -51.09 4.91 8.49
CA ALA A 66 -50.17 4.40 9.49
C ALA A 66 -49.88 2.89 9.50
N ASN A 67 -48.66 2.54 9.09
CA ASN A 67 -47.78 3.55 8.44
C ASN A 67 -46.80 2.99 7.43
N VAL A 68 -46.68 3.81 6.41
CA VAL A 68 -45.87 3.53 5.24
C VAL A 68 -44.42 3.91 5.54
N LEU A 69 -43.49 3.01 5.22
CA LEU A 69 -42.10 3.38 5.50
C LEU A 69 -41.67 4.53 4.61
N CYS A 70 -42.13 4.53 3.37
CA CYS A 70 -41.72 5.45 2.34
C CYS A 70 -42.98 5.87 1.60
N SER A 71 -43.08 7.12 1.15
CA SER A 71 -44.40 7.58 0.73
C SER A 71 -44.43 8.10 -0.69
N CYS A 72 -45.33 7.54 -1.48
CA CYS A 72 -45.89 8.15 -2.64
C CYS A 72 -47.19 8.64 -2.07
N SER A 73 -47.87 9.51 -2.80
CA SER A 73 -47.21 10.38 -3.76
C SER A 73 -47.48 11.73 -3.13
N GLU A 74 -47.61 12.82 -3.89
CA GLU A 74 -47.98 14.11 -3.28
C GLU A 74 -49.18 13.92 -2.39
N ASP A 75 -49.10 14.40 -1.14
CA ASP A 75 -48.08 15.32 -0.65
C ASP A 75 -46.71 14.77 -0.20
N CYS A 76 -46.16 13.75 -0.88
CA CYS A 76 -44.88 13.20 -0.43
C CYS A 76 -43.76 14.23 -0.55
N LEU A 77 -43.80 15.05 -1.61
CA LEU A 77 -42.67 15.90 -1.92
C LEU A 77 -42.51 17.01 -0.88
N THR A 78 -43.58 17.77 -0.63
CA THR A 78 -43.50 18.85 0.35
C THR A 78 -43.19 18.32 1.73
N LYS A 79 -43.65 17.12 2.00
CA LYS A 79 -43.42 16.45 3.24
C LYS A 79 -42.04 15.75 3.28
N LYS A 80 -41.36 15.69 2.14
CA LYS A 80 -40.05 15.06 1.98
C LYS A 80 -40.11 13.62 2.49
N ASP A 81 -41.21 12.97 2.15
CA ASP A 81 -41.55 11.62 2.55
C ASP A 81 -41.40 10.64 1.40
N CYS A 82 -40.93 11.11 0.24
CA CYS A 82 -41.14 10.38 -1.01
C CYS A 82 -40.28 9.12 -1.09
N CYS A 83 -40.87 8.07 -1.68
CA CYS A 83 -40.05 6.98 -2.21
C CYS A 83 -39.14 7.51 -3.30
N THR A 84 -37.87 7.09 -3.25
CA THR A 84 -36.87 7.63 -4.16
C THR A 84 -37.29 7.53 -5.62
N ASP A 85 -38.09 6.53 -5.99
CA ASP A 85 -38.47 6.48 -7.40
C ASP A 85 -39.60 7.44 -7.74
N TYR A 86 -40.11 8.17 -6.73
CA TYR A 86 -41.40 8.85 -6.83
C TYR A 86 -41.64 9.53 -8.17
N LYS A 87 -40.68 10.33 -8.63
CA LYS A 87 -40.93 11.13 -9.84
C LYS A 87 -40.90 10.27 -11.10
N SER A 88 -39.94 9.35 -11.21
CA SER A 88 -39.89 8.50 -12.40
C SER A 88 -41.13 7.62 -12.50
N ILE A 89 -41.76 7.31 -11.38
CA ILE A 89 -42.74 6.26 -11.29
C ILE A 89 -44.14 6.82 -11.12
N CYS A 90 -44.28 8.07 -10.71
CA CYS A 90 -45.53 8.75 -10.44
C CYS A 90 -45.68 10.06 -11.19
N LYS A 91 -44.57 10.74 -11.47
CA LYS A 91 -44.55 11.95 -12.27
C LYS A 91 -44.19 11.68 -13.73
N ARG A 92 -43.84 10.44 -14.06
CA ARG A 92 -43.42 10.08 -15.42
C ARG A 92 -42.25 10.94 -15.90
N GLU A 93 -41.27 11.14 -15.04
CA GLU A 93 -39.98 11.68 -15.43
C GLU A 93 -39.04 10.51 -15.71
N THR A 94 -37.96 10.79 -16.43
CA THR A 94 -36.99 9.72 -16.67
C THR A 94 -36.14 9.52 -15.41
N SER A 95 -36.11 8.29 -14.91
CA SER A 95 -35.30 7.89 -13.74
C SER A 95 -33.83 8.06 -14.01
N TRP A 96 -33.01 8.20 -12.97
CA TRP A 96 -31.58 8.37 -13.15
C TRP A 96 -30.96 7.25 -14.00
N LEU A 97 -31.44 6.06 -13.76
CA LEU A 97 -30.95 4.88 -14.43
C LEU A 97 -31.17 4.88 -15.91
N LYS A 98 -32.37 5.25 -16.34
CA LYS A 98 -32.66 5.27 -17.75
C LYS A 98 -31.99 6.40 -18.47
N ASP A 99 -31.47 7.37 -17.76
CA ASP A 99 -30.78 8.47 -18.41
C ASP A 99 -29.44 8.14 -19.02
N GLN A 100 -28.95 9.06 -19.83
CA GLN A 100 -27.61 9.02 -20.39
C GLN A 100 -26.63 9.78 -19.51
N CYS A 101 -25.34 9.62 -19.82
CA CYS A 101 -24.28 10.11 -18.95
C CYS A 101 -24.28 11.64 -18.84
N ALA A 102 -24.37 12.33 -19.96
CA ALA A 102 -24.25 13.80 -20.00
C ALA A 102 -23.10 14.32 -19.14
N SER A 107 -22.13 20.14 -12.91
CA SER A 107 -21.42 21.05 -12.04
C SER A 107 -22.39 22.07 -11.51
N GLN A 108 -23.64 21.69 -11.48
CA GLN A 108 -24.69 22.58 -11.09
C GLN A 108 -25.36 22.13 -9.82
N CYS A 109 -24.82 22.62 -8.71
CA CYS A 109 -25.39 22.35 -7.41
C CYS A 109 -26.52 23.36 -7.39
N PRO A 110 -27.61 23.05 -6.69
CA PRO A 110 -28.75 23.96 -6.68
C PRO A 110 -28.71 24.94 -5.52
N GLU A 111 -29.92 25.33 -5.11
CA GLU A 111 -30.14 26.52 -4.28
C GLU A 111 -29.56 26.36 -2.87
N GLY A 112 -28.65 27.27 -2.51
CA GLY A 112 -28.02 27.20 -1.21
C GLY A 112 -26.93 26.16 -1.06
N PHE A 113 -26.49 25.54 -2.15
CA PHE A 113 -25.36 24.60 -2.11
C PHE A 113 -24.14 25.31 -2.70
N ASP A 114 -23.40 25.89 -1.81
CA ASP A 114 -22.19 26.61 -2.04
C ASP A 114 -21.11 25.75 -2.64
N GLN A 115 -20.81 24.71 -1.93
CA GLN A 115 -19.76 23.78 -2.25
C GLN A 115 -20.36 22.37 -2.37
N SER A 116 -19.76 21.57 -3.21
CA SER A 116 -20.25 20.21 -3.42
C SER A 116 -20.25 19.40 -2.12
N PRO A 117 -21.38 18.83 -1.70
CA PRO A 117 -21.35 17.84 -0.62
C PRO A 117 -20.64 16.58 -1.10
N LEU A 118 -20.02 15.89 -0.15
CA LEU A 118 -19.27 14.68 -0.45
C LEU A 118 -19.92 13.52 0.29
N ILE A 119 -20.21 12.44 -0.43
CA ILE A 119 -20.75 11.23 0.18
C ILE A 119 -19.76 10.10 0.01
N LEU A 120 -19.46 9.41 1.10
CA LEU A 120 -18.54 8.26 1.08
C LEU A 120 -19.38 7.04 1.37
N PHE A 121 -19.51 6.16 0.39
CA PHE A 121 -20.40 5.01 0.46
C PHE A 121 -19.54 3.75 0.42
N SER A 122 -19.60 2.97 1.49
CA SER A 122 -18.83 1.74 1.57
C SER A 122 -19.78 0.54 1.49
N MET A 123 -19.42 -0.42 0.66
CA MET A 123 -20.16 -1.66 0.63
C MET A 123 -19.21 -2.75 1.12
N ASP A 124 -19.45 -3.24 2.32
CA ASP A 124 -18.48 -4.11 2.96
C ASP A 124 -18.27 -5.39 2.15
N GLY A 125 -17.00 -5.71 1.90
CA GLY A 125 -16.69 -6.97 1.25
C GLY A 125 -16.94 -7.03 -0.23
N PHE A 126 -17.05 -5.87 -0.91
CA PHE A 126 -17.33 -5.81 -2.36
C PHE A 126 -16.00 -5.92 -3.10
N ARG A 127 -15.63 -7.14 -3.50
CA ARG A 127 -14.33 -7.35 -4.12
C ARG A 127 -14.34 -6.82 -5.56
N ALA A 128 -13.17 -6.33 -5.99
CA ALA A 128 -13.01 -5.75 -7.32
C ALA A 128 -13.49 -6.70 -8.41
N GLU A 129 -13.32 -7.99 -8.18
CA GLU A 129 -13.73 -9.01 -9.13
C GLU A 129 -15.23 -9.02 -9.37
N TYR A 130 -16.02 -8.63 -8.38
CA TYR A 130 -17.48 -8.62 -8.56
C TYR A 130 -17.85 -7.63 -9.66
N LEU A 131 -17.15 -6.52 -9.70
CA LEU A 131 -17.44 -5.46 -10.67
C LEU A 131 -17.01 -5.87 -12.07
N GLU A 132 -15.90 -6.61 -12.17
CA GLU A 132 -15.33 -6.89 -13.48
C GLU A 132 -16.20 -7.90 -14.23
N THR A 133 -16.74 -8.89 -13.53
CA THR A 133 -17.51 -9.96 -14.14
C THR A 133 -19.02 -9.80 -14.03
N TRP A 134 -19.55 -9.16 -12.98
CA TRP A 134 -21.00 -9.07 -12.80
C TRP A 134 -21.58 -7.69 -13.09
N ASP A 135 -20.82 -6.78 -13.71
CA ASP A 135 -21.29 -5.39 -13.77
C ASP A 135 -22.68 -5.29 -14.41
N THR A 136 -22.99 -6.14 -15.41
CA THR A 136 -24.31 -6.10 -16.05
C THR A 136 -25.43 -6.62 -15.16
N LEU A 137 -25.10 -7.30 -14.06
CA LEU A 137 -26.10 -7.68 -13.09
C LEU A 137 -26.39 -6.57 -12.07
N MET A 138 -25.70 -5.45 -12.19
CA MET A 138 -25.82 -4.35 -11.22
C MET A 138 -25.99 -3.06 -12.01
N PRO A 139 -27.16 -2.86 -12.63
CA PRO A 139 -27.30 -1.73 -13.57
C PRO A 139 -26.93 -0.37 -13.01
N ASN A 140 -27.24 -0.10 -11.74
CA ASN A 140 -26.99 1.23 -11.19
C ASN A 140 -25.50 1.49 -11.00
N ILE A 141 -24.79 0.52 -10.42
CA ILE A 141 -23.34 0.63 -10.27
C ILE A 141 -22.66 0.70 -11.63
N ASN A 142 -23.16 -0.06 -12.61
CA ASN A 142 -22.56 -0.06 -13.94
C ASN A 142 -22.70 1.30 -14.63
N LYS A 143 -23.85 1.95 -14.43
CA LYS A 143 -24.06 3.26 -15.00
C LYS A 143 -22.93 4.08 -14.39
N LEU A 144 -22.96 4.21 -13.07
CA LEU A 144 -21.91 4.90 -12.34
C LEU A 144 -20.54 4.58 -12.91
N LYS A 145 -20.25 3.30 -13.12
CA LYS A 145 -18.97 2.92 -13.70
C LYS A 145 -18.82 3.48 -15.11
N THR A 146 -19.90 3.46 -15.89
CA THR A 146 -19.83 3.95 -17.26
C THR A 146 -19.60 5.46 -17.32
N CYS A 147 -20.25 6.22 -16.44
CA CYS A 147 -20.35 7.67 -16.64
C CYS A 147 -19.34 8.45 -15.80
N GLY A 148 -18.95 7.91 -14.65
CA GLY A 148 -18.07 8.58 -13.74
C GLY A 148 -16.62 8.18 -13.95
N THR A 149 -15.88 8.23 -12.85
CA THR A 149 -14.48 7.83 -12.77
C THR A 149 -14.42 6.57 -11.93
N HIS A 150 -13.76 5.53 -12.44
CA HIS A 150 -13.59 4.29 -11.67
C HIS A 150 -12.18 3.79 -11.82
N ALA A 151 -11.71 3.12 -10.79
CA ALA A 151 -10.40 2.48 -10.82
C ALA A 151 -10.56 1.02 -11.17
N LYS A 152 -9.51 0.46 -11.77
CA LYS A 152 -9.50 -0.97 -12.04
C LYS A 152 -9.70 -1.76 -10.75
N TYR A 153 -9.12 -1.26 -9.65
CA TYR A 153 -9.41 -1.77 -8.31
C TYR A 153 -8.77 -0.81 -7.33
N MET A 154 -9.15 -0.94 -6.06
CA MET A 154 -8.54 -0.22 -4.96
C MET A 154 -7.93 -1.22 -4.00
N ARG A 155 -6.66 -1.01 -3.67
CA ARG A 155 -5.97 -1.95 -2.80
C ARG A 155 -6.24 -1.58 -1.35
N ALA A 156 -6.53 -2.59 -0.53
CA ALA A 156 -6.77 -2.41 0.89
C ALA A 156 -5.44 -2.36 1.65
N VAL A 157 -5.48 -2.17 2.97
CA VAL A 157 -4.30 -2.33 3.78
C VAL A 157 -4.39 -3.65 4.51
N TYR A 158 -3.23 -4.11 5.00
CA TYR A 158 -3.12 -5.36 5.74
C TYR A 158 -3.27 -5.08 7.24
N PRO A 159 -3.98 -5.98 7.96
CA PRO A 159 -4.67 -7.15 7.41
C PRO A 159 -6.00 -6.70 6.78
N THR A 160 -6.47 -7.40 5.74
CA THR A 160 -7.64 -6.99 4.97
C THR A 160 -8.94 -7.31 5.74
N LYS A 161 -9.14 -6.55 6.83
CA LYS A 161 -10.24 -6.65 7.79
C LYS A 161 -11.06 -5.37 7.80
N THR A 162 -12.29 -5.47 8.34
CA THR A 162 -13.28 -4.39 8.17
C THR A 162 -12.90 -3.14 8.97
N PHE A 163 -12.64 -3.28 10.28
CA PHE A 163 -12.38 -2.08 11.07
C PHE A 163 -11.04 -1.46 10.67
N VAL A 164 -10.04 -2.30 10.41
CA VAL A 164 -8.73 -1.84 9.96
C VAL A 164 -8.89 -0.93 8.74
N ASN A 165 -9.60 -1.43 7.73
CA ASN A 165 -9.65 -0.74 6.45
C ASN A 165 -10.62 0.43 6.44
N HIS A 166 -11.78 0.32 7.07
CA HIS A 166 -12.61 1.53 7.13
C HIS A 166 -11.90 2.65 7.87
N TYR A 167 -11.14 2.32 8.93
CA TYR A 167 -10.50 3.43 9.64
C TYR A 167 -9.34 3.98 8.82
N THR A 168 -8.62 3.12 8.10
CA THR A 168 -7.60 3.62 7.19
C THR A 168 -8.21 4.56 6.14
N ILE A 169 -9.36 4.19 5.58
CA ILE A 169 -9.96 5.00 4.51
C ILE A 169 -10.19 6.46 4.96
N VAL A 170 -10.69 6.66 6.18
CA VAL A 170 -11.02 8.00 6.64
C VAL A 170 -9.86 8.71 7.35
N THR A 171 -8.68 8.06 7.50
CA THR A 171 -7.53 8.72 8.08
C THR A 171 -6.32 8.83 7.19
N GLY A 172 -6.24 8.05 6.10
CA GLY A 172 -5.05 8.04 5.29
C GLY A 172 -3.87 7.34 5.94
N LEU A 173 -4.11 6.53 6.98
CA LEU A 173 -3.02 5.97 7.77
C LEU A 173 -2.94 4.46 7.64
N TYR A 174 -1.71 3.96 7.60
CA TYR A 174 -1.46 2.54 7.84
C TYR A 174 -1.98 2.12 9.21
N ALA A 175 -2.42 0.85 9.31
CA ALA A 175 -2.96 0.36 10.57
C ALA A 175 -1.93 0.49 11.71
N GLU A 176 -0.64 0.24 11.44
CA GLU A 176 0.36 0.37 12.51
C GLU A 176 0.37 1.76 13.10
N THR A 177 -0.04 2.77 12.31
CA THR A 177 -0.10 4.11 12.90
C THR A 177 -1.46 4.43 13.52
N HIS A 178 -2.58 4.14 12.83
CA HIS A 178 -3.85 4.54 13.44
C HIS A 178 -4.21 3.66 14.63
N GLY A 179 -3.65 2.44 14.71
CA GLY A 179 -3.76 1.61 15.91
C GLY A 179 -4.81 0.51 15.83
N ILE A 180 -5.73 0.58 14.87
CA ILE A 180 -6.70 -0.49 14.70
C ILE A 180 -6.03 -1.55 13.81
N ILE A 181 -5.22 -2.43 14.41
CA ILE A 181 -4.42 -3.28 13.54
C ILE A 181 -5.11 -4.59 13.20
N ASP A 182 -6.32 -4.83 13.74
CA ASP A 182 -7.05 -6.07 13.52
C ASP A 182 -8.41 -5.88 14.17
N ASN A 183 -9.35 -6.75 13.86
CA ASN A 183 -10.68 -6.70 14.47
C ASN A 183 -10.58 -7.24 15.90
N ASN A 184 -9.46 -7.91 16.21
CA ASN A 184 -9.21 -8.47 17.53
C ASN A 184 -7.75 -8.21 17.85
N MET A 185 -7.49 -7.61 19.01
CA MET A 185 -6.11 -7.34 19.37
C MET A 185 -5.98 -7.14 20.86
N TYR A 186 -4.75 -7.23 21.31
CA TYR A 186 -4.40 -6.94 22.69
C TYR A 186 -3.43 -5.77 22.72
N ASP A 187 -3.47 -4.97 23.77
CA ASP A 187 -2.51 -3.88 23.96
C ASP A 187 -1.93 -4.04 25.35
N VAL A 188 -0.62 -4.27 25.43
CA VAL A 188 0.00 -4.53 26.73
C VAL A 188 0.17 -3.24 27.54
N LYS A 189 0.34 -2.09 26.87
CA LYS A 189 0.42 -0.83 27.60
C LYS A 189 -0.90 -0.52 28.28
N LEU A 190 -1.99 -0.63 27.52
CA LEU A 190 -3.33 -0.51 28.10
C LEU A 190 -3.67 -1.70 28.96
N ASN A 191 -3.02 -2.84 28.74
CA ASN A 191 -3.45 -4.14 29.22
C ASN A 191 -4.94 -4.31 28.98
N GLN A 192 -5.32 -4.20 27.71
CA GLN A 192 -6.72 -4.28 27.37
C GLN A 192 -6.90 -5.02 26.07
N ASN A 193 -8.00 -5.75 25.99
CA ASN A 193 -8.40 -6.44 24.77
C ASN A 193 -9.38 -5.59 23.98
N PHE A 194 -9.29 -5.70 22.67
CA PHE A 194 -10.20 -5.05 21.73
C PHE A 194 -10.95 -6.13 20.95
N SER A 195 -12.27 -5.95 20.77
CA SER A 195 -13.06 -6.89 19.97
C SER A 195 -14.24 -6.19 19.27
N LEU A 196 -14.77 -6.86 18.24
CA LEU A 196 -15.93 -6.32 17.52
C LEU A 196 -17.23 -6.46 18.32
N SER A 197 -17.29 -7.39 19.27
CA SER A 197 -18.44 -7.59 20.14
C SER A 197 -17.98 -7.37 21.58
N GLY A 198 -17.64 -6.12 21.88
CA GLY A 198 -17.26 -5.72 23.22
C GLY A 198 -17.34 -4.22 23.28
N SER A 199 -17.49 -3.69 24.49
CA SER A 199 -17.54 -2.24 24.64
C SER A 199 -16.15 -1.61 24.77
N ASN A 200 -15.09 -2.41 24.90
CA ASN A 200 -13.77 -1.82 24.88
C ASN A 200 -13.51 -1.13 23.56
N MET A 201 -14.17 -1.59 22.50
CA MET A 201 -13.92 -1.02 21.19
C MET A 201 -14.35 0.44 21.10
N ARG A 202 -15.27 0.89 21.94
CA ARG A 202 -15.68 2.28 21.95
C ARG A 202 -14.77 3.15 22.81
N ASN A 203 -13.70 2.59 23.35
CA ASN A 203 -12.73 3.34 24.13
C ASN A 203 -11.80 4.11 23.21
N ALA A 204 -11.74 5.43 23.41
CA ALA A 204 -10.99 6.28 22.49
C ALA A 204 -9.49 5.97 22.49
N ALA A 205 -8.98 5.34 23.55
CA ALA A 205 -7.56 5.05 23.61
C ALA A 205 -7.06 4.17 22.46
N TRP A 206 -7.97 3.42 21.81
CA TRP A 206 -7.57 2.58 20.69
C TRP A 206 -7.37 3.35 19.39
N TRP A 207 -8.02 4.51 19.25
CA TRP A 207 -8.24 5.09 17.91
C TRP A 207 -7.34 6.30 17.72
N GLY A 208 -6.27 6.14 16.93
CA GLY A 208 -5.33 7.21 16.70
C GLY A 208 -5.64 8.01 15.44
N GLY A 209 -4.81 9.01 15.16
CA GLY A 209 -4.93 9.76 13.91
C GLY A 209 -6.16 10.67 13.91
N GLN A 210 -6.53 11.16 12.73
CA GLN A 210 -7.62 12.12 12.62
C GLN A 210 -8.59 11.73 11.51
N PRO A 211 -9.77 11.20 11.83
CA PRO A 211 -10.72 10.81 10.78
C PRO A 211 -11.25 12.02 10.04
N ILE A 212 -11.65 11.78 8.78
CA ILE A 212 -12.11 12.88 7.90
C ILE A 212 -13.23 13.69 8.55
N TRP A 213 -14.05 13.09 9.42
CA TRP A 213 -15.14 13.86 10.00
C TRP A 213 -14.62 14.86 11.03
N HIS A 214 -13.48 14.57 11.68
CA HIS A 214 -12.85 15.59 12.52
C HIS A 214 -12.13 16.62 11.68
N THR A 215 -11.48 16.22 10.59
CA THR A 215 -10.81 17.20 9.74
C THR A 215 -11.80 18.25 9.23
N ALA A 216 -12.99 17.80 8.83
CA ALA A 216 -14.04 18.72 8.39
C ALA A 216 -14.51 19.61 9.55
N SER A 217 -14.84 18.99 10.68
CA SER A 217 -15.41 19.71 11.82
C SER A 217 -14.41 20.76 12.34
N TYR A 218 -13.14 20.38 12.47
CA TYR A 218 -12.11 21.31 12.96
C TYR A 218 -11.94 22.50 12.02
N GLN A 219 -12.32 22.38 10.76
CA GLN A 219 -12.16 23.47 9.81
C GLN A 219 -13.51 24.07 9.41
N GLY A 220 -14.53 23.91 10.25
CA GLY A 220 -15.78 24.66 10.12
C GLY A 220 -16.90 24.00 9.34
N LEU A 221 -16.73 22.76 8.89
CA LEU A 221 -17.77 22.02 8.20
C LEU A 221 -18.49 21.06 9.16
N LYS A 222 -19.55 20.46 8.67
CA LYS A 222 -20.29 19.49 9.44
C LYS A 222 -20.20 18.08 8.79
N ALA A 223 -20.12 17.04 9.60
CA ALA A 223 -20.00 15.67 9.11
C ALA A 223 -21.06 14.79 9.75
N ALA A 224 -21.66 13.92 8.96
CA ALA A 224 -22.70 13.02 9.41
C ALA A 224 -22.32 11.63 8.95
N THR A 225 -22.34 10.66 9.87
CA THR A 225 -22.00 9.28 9.54
C THR A 225 -23.22 8.39 9.75
N TYR A 226 -23.67 7.72 8.70
CA TYR A 226 -24.63 6.64 8.90
C TYR A 226 -23.85 5.33 8.98
N PHE A 227 -23.31 5.08 10.19
CA PHE A 227 -22.45 3.94 10.47
C PHE A 227 -21.08 4.16 9.83
N TRP A 228 -20.06 4.01 10.63
CA TRP A 228 -18.69 3.91 10.15
C TRP A 228 -17.86 3.51 11.36
N PRO A 229 -16.97 2.54 11.22
CA PRO A 229 -16.10 2.15 12.34
C PRO A 229 -15.37 3.37 12.87
N GLY A 230 -15.50 3.62 14.17
CA GLY A 230 -14.89 4.77 14.81
C GLY A 230 -15.85 5.92 15.05
N SER A 231 -16.97 5.95 14.33
CA SER A 231 -17.84 7.12 14.38
C SER A 231 -18.60 7.19 15.68
N GLU A 232 -18.68 6.08 16.40
CA GLU A 232 -19.38 6.03 17.69
C GLU A 232 -18.38 6.18 18.85
N VAL A 233 -17.14 6.52 18.51
CA VAL A 233 -16.08 6.70 19.48
C VAL A 233 -15.76 8.17 19.61
N LYS A 234 -15.43 8.59 20.82
CA LYS A 234 -15.12 9.95 21.09
C LYS A 234 -13.65 10.20 20.76
N ILE A 235 -13.29 10.00 19.51
CA ILE A 235 -11.93 10.18 19.04
C ILE A 235 -11.45 11.60 19.23
N ASN A 236 -10.30 11.77 19.88
CA ASN A 236 -9.77 13.10 20.13
C ASN A 236 -10.77 13.93 20.91
N GLY A 237 -11.60 13.22 21.69
CA GLY A 237 -12.62 13.83 22.50
C GLY A 237 -13.94 14.22 21.89
N SER A 238 -14.21 13.86 20.64
CA SER A 238 -15.48 14.25 20.05
C SER A 238 -15.91 13.26 18.98
N TYR A 239 -17.18 13.39 18.60
CA TYR A 239 -17.97 12.63 17.65
C TYR A 239 -18.14 13.41 16.35
N PRO A 240 -18.51 12.72 15.24
CA PRO A 240 -19.02 13.45 14.06
C PRO A 240 -20.15 14.41 14.48
N THR A 241 -20.41 15.45 13.69
CA THR A 241 -21.52 16.37 13.97
C THR A 241 -22.82 15.61 14.18
N ILE A 242 -23.12 14.67 13.28
CA ILE A 242 -24.23 13.74 13.40
C ILE A 242 -23.67 12.33 13.23
N TYR A 243 -24.20 11.37 14.01
CA TYR A 243 -23.79 9.98 13.86
C TYR A 243 -24.92 9.08 14.38
N LYS A 244 -24.87 7.83 13.96
CA LYS A 244 -25.88 6.83 14.25
C LYS A 244 -25.30 5.68 15.06
N VAL A 245 -26.05 5.21 16.05
CA VAL A 245 -25.65 4.04 16.82
C VAL A 245 -25.75 2.80 15.96
N TYR A 246 -24.67 2.04 15.88
CA TYR A 246 -24.64 0.94 14.94
C TYR A 246 -25.79 -0.03 15.20
N ASN A 247 -26.48 -0.41 14.12
CA ASN A 247 -27.53 -1.42 14.20
C ASN A 247 -27.55 -2.11 12.84
N LYS A 248 -26.95 -3.29 12.80
CA LYS A 248 -26.84 -4.04 11.55
C LYS A 248 -28.21 -4.34 10.93
N SER A 249 -29.28 -4.31 11.74
CA SER A 249 -30.62 -4.66 11.31
C SER A 249 -31.33 -3.53 10.57
N THR A 250 -30.80 -2.32 10.59
CA THR A 250 -31.47 -1.20 9.96
C THR A 250 -31.57 -1.48 8.46
N PRO A 251 -32.76 -1.49 7.88
CA PRO A 251 -32.89 -1.66 6.42
C PRO A 251 -31.97 -0.71 5.69
N PHE A 252 -31.24 -1.25 4.71
CA PHE A 252 -30.36 -0.43 3.88
C PHE A 252 -31.12 0.77 3.32
N GLU A 253 -32.37 0.54 2.91
CA GLU A 253 -33.23 1.61 2.39
C GLU A 253 -33.40 2.73 3.40
N ALA A 254 -33.70 2.38 4.65
CA ALA A 254 -33.80 3.39 5.71
C ALA A 254 -32.51 4.20 5.82
N ARG A 255 -31.36 3.55 5.63
CA ARG A 255 -30.09 4.28 5.72
C ARG A 255 -29.99 5.32 4.62
N VAL A 256 -30.39 4.97 3.40
CA VAL A 256 -30.36 5.90 2.27
C VAL A 256 -31.32 7.07 2.49
N MET A 257 -32.54 6.78 2.93
CA MET A 257 -33.53 7.85 3.09
C MET A 257 -33.04 8.87 4.11
N GLU A 258 -32.42 8.41 5.21
CA GLU A 258 -31.92 9.35 6.20
C GLU A 258 -30.74 10.16 5.65
N VAL A 259 -29.87 9.56 4.84
CA VAL A 259 -28.81 10.34 4.19
C VAL A 259 -29.41 11.39 3.28
N LEU A 260 -30.49 11.04 2.58
CA LEU A 260 -31.18 12.01 1.74
C LEU A 260 -31.77 13.14 2.58
N LYS A 261 -32.25 12.82 3.78
CA LYS A 261 -32.82 13.87 4.62
C LYS A 261 -31.76 14.85 5.11
N TRP A 262 -30.56 14.36 5.39
CA TRP A 262 -29.50 15.26 5.82
C TRP A 262 -29.20 16.29 4.74
N LEU A 263 -29.23 15.85 3.48
CA LEU A 263 -29.16 16.77 2.37
C LEU A 263 -30.33 17.73 2.30
N ASP A 264 -31.48 17.34 2.87
CA ASP A 264 -32.67 18.20 2.91
C ASP A 264 -32.64 19.18 4.07
N LEU A 265 -31.62 19.12 4.92
CA LEU A 265 -31.57 19.98 6.07
C LEU A 265 -31.34 21.41 5.66
N PRO A 266 -31.80 22.35 6.49
CA PRO A 266 -31.37 23.75 6.36
C PRO A 266 -29.85 23.86 6.19
N LYS A 267 -29.43 24.78 5.33
CA LYS A 267 -28.01 24.98 5.05
C LYS A 267 -27.18 25.12 6.31
N ALA A 268 -27.75 25.69 7.38
CA ALA A 268 -26.99 25.91 8.60
C ALA A 268 -26.68 24.61 9.32
N LYS A 269 -27.51 23.59 9.14
CA LYS A 269 -27.29 22.31 9.79
C LYS A 269 -26.95 21.21 8.81
N ARG A 270 -26.92 21.50 7.52
CA ARG A 270 -26.75 20.46 6.54
C ARG A 270 -25.32 19.95 6.59
N PRO A 271 -25.12 18.63 6.65
CA PRO A 271 -23.76 18.08 6.58
C PRO A 271 -23.09 18.37 5.24
N ASP A 272 -21.79 18.67 5.27
CA ASP A 272 -21.01 18.77 4.03
C ASP A 272 -20.37 17.44 3.66
N PHE A 273 -20.25 16.52 4.60
CA PHE A 273 -19.66 15.22 4.35
C PHE A 273 -20.55 14.20 5.05
N SER A 274 -20.85 13.12 4.37
CA SER A 274 -21.61 12.07 5.01
C SER A 274 -21.15 10.71 4.51
N THR A 275 -21.28 9.72 5.38
CA THR A 275 -20.94 8.35 5.09
C THR A 275 -22.20 7.50 5.06
N LEU A 276 -22.12 6.47 4.26
CA LEU A 276 -23.17 5.47 4.13
C LEU A 276 -22.48 4.12 4.15
N TYR A 277 -23.04 3.17 4.88
CA TYR A 277 -22.38 1.88 5.05
C TYR A 277 -23.41 0.77 5.04
N ILE A 278 -23.14 -0.29 4.25
CA ILE A 278 -23.96 -1.50 4.26
C ILE A 278 -23.03 -2.70 4.39
N GLU A 279 -23.54 -3.75 5.03
CA GLU A 279 -22.78 -4.95 5.37
C GLU A 279 -22.68 -5.94 4.21
N GLU A 280 -23.46 -5.75 3.15
CA GLU A 280 -23.36 -6.63 1.97
C GLU A 280 -22.44 -5.99 0.91
N PRO A 281 -21.71 -6.80 0.14
CA PRO A 281 -21.82 -8.27 0.01
C PRO A 281 -21.02 -9.11 1.04
N ASP A 282 -20.46 -8.47 2.08
CA ASP A 282 -19.58 -9.17 3.03
C ASP A 282 -20.32 -10.27 3.77
N THR A 283 -21.51 -9.96 4.32
CA THR A 283 -22.25 -10.95 5.11
C THR A 283 -22.53 -12.21 4.31
N THR A 284 -23.15 -12.06 3.14
CA THR A 284 -23.46 -13.25 2.33
C THR A 284 -22.16 -13.89 1.82
N GLY A 285 -21.15 -13.07 1.51
CA GLY A 285 -19.89 -13.63 1.06
C GLY A 285 -19.27 -14.57 2.08
N HIS A 286 -19.32 -14.20 3.36
CA HIS A 286 -18.85 -15.09 4.42
C HIS A 286 -19.62 -16.41 4.42
N LYS A 287 -20.93 -16.34 4.28
CA LYS A 287 -21.75 -17.51 4.47
C LYS A 287 -21.64 -18.48 3.29
N PHE A 288 -21.62 -17.96 2.07
CA PHE A 288 -21.66 -18.79 0.88
C PHE A 288 -20.42 -18.68 0.00
N GLY A 289 -19.49 -17.78 0.28
CA GLY A 289 -18.30 -17.68 -0.53
C GLY A 289 -18.51 -16.72 -1.70
N PRO A 290 -17.40 -16.25 -2.29
CA PRO A 290 -17.51 -15.16 -3.26
C PRO A 290 -18.04 -15.60 -4.62
N VAL A 291 -18.11 -16.89 -4.91
CA VAL A 291 -18.68 -17.34 -6.17
C VAL A 291 -19.92 -18.17 -5.82
N SER A 292 -21.05 -17.49 -5.63
CA SER A 292 -22.29 -18.13 -5.21
C SER A 292 -23.47 -17.30 -5.68
N GLY A 293 -24.53 -18.00 -6.06
CA GLY A 293 -25.78 -17.32 -6.37
C GLY A 293 -26.22 -16.39 -5.26
N GLN A 294 -25.95 -16.77 -4.01
CA GLN A 294 -26.38 -15.94 -2.89
C GLN A 294 -25.66 -14.59 -2.92
N VAL A 295 -24.36 -14.60 -3.22
CA VAL A 295 -23.64 -13.33 -3.25
C VAL A 295 -24.17 -12.44 -4.37
N ILE A 296 -24.44 -13.02 -5.54
CA ILE A 296 -25.02 -12.22 -6.61
C ILE A 296 -26.34 -11.59 -6.17
N LYS A 297 -27.17 -12.34 -5.42
CA LYS A 297 -28.40 -11.74 -4.90
C LYS A 297 -28.08 -10.59 -3.96
N SER A 298 -27.08 -10.78 -3.10
CA SER A 298 -26.71 -9.70 -2.18
C SER A 298 -26.14 -8.51 -2.93
N LEU A 299 -25.43 -8.74 -4.04
CA LEU A 299 -24.87 -7.64 -4.81
C LEU A 299 -25.97 -6.86 -5.52
N GLN A 300 -27.01 -7.55 -5.98
CA GLN A 300 -28.16 -6.87 -6.54
C GLN A 300 -28.87 -6.05 -5.49
N MET A 301 -28.97 -6.57 -4.27
CA MET A 301 -29.56 -5.79 -3.19
C MET A 301 -28.68 -4.58 -2.89
N ALA A 302 -27.35 -4.76 -2.95
CA ALA A 302 -26.47 -3.60 -2.86
C ALA A 302 -26.68 -2.67 -4.03
N ASP A 303 -26.84 -3.22 -5.24
CA ASP A 303 -27.04 -2.37 -6.40
C ASP A 303 -28.31 -1.52 -6.27
N ARG A 304 -29.39 -2.10 -5.73
CA ARG A 304 -30.63 -1.34 -5.56
C ARG A 304 -30.48 -0.28 -4.48
N THR A 305 -29.69 -0.57 -3.44
CA THR A 305 -29.41 0.45 -2.43
C THR A 305 -28.82 1.69 -3.06
N LEU A 306 -27.84 1.49 -3.93
CA LEU A 306 -27.19 2.61 -4.60
C LEU A 306 -28.14 3.25 -5.62
N GLY A 307 -28.98 2.45 -6.26
CA GLY A 307 -29.98 3.01 -7.16
C GLY A 307 -30.88 4.00 -6.46
N MET A 308 -31.43 3.60 -5.30
CA MET A 308 -32.26 4.48 -4.50
C MET A 308 -31.54 5.79 -4.16
N LEU A 309 -30.25 5.71 -3.86
CA LEU A 309 -29.52 6.93 -3.51
C LEU A 309 -29.44 7.88 -4.70
N MET A 310 -29.11 7.35 -5.89
CA MET A 310 -28.95 8.18 -7.07
C MET A 310 -30.27 8.78 -7.53
N GLU A 311 -31.36 8.01 -7.47
CA GLU A 311 -32.66 8.57 -7.86
C GLU A 311 -33.07 9.66 -6.89
N GLY A 312 -32.80 9.45 -5.60
CA GLY A 312 -33.06 10.49 -4.60
C GLY A 312 -32.27 11.76 -4.84
N LEU A 313 -31.00 11.63 -5.26
CA LEU A 313 -30.24 12.81 -5.61
C LEU A 313 -30.84 13.50 -6.83
N LYS A 314 -31.19 12.72 -7.85
CA LYS A 314 -31.80 13.31 -9.03
C LYS A 314 -33.05 14.09 -8.68
N GLN A 315 -33.95 13.46 -7.92
CA GLN A 315 -35.17 14.09 -7.43
C GLN A 315 -34.91 15.46 -6.84
N ARG A 316 -33.85 15.57 -6.04
CA ARG A 316 -33.45 16.81 -5.41
C ARG A 316 -32.56 17.66 -6.31
N ASN A 317 -32.39 17.27 -7.56
CA ASN A 317 -31.57 18.02 -8.50
C ASN A 317 -30.13 18.11 -8.01
N LEU A 318 -29.65 17.06 -7.37
CA LEU A 318 -28.31 17.08 -6.83
C LEU A 318 -27.34 16.13 -7.54
N HIS A 319 -27.89 15.23 -8.34
CA HIS A 319 -27.08 14.28 -9.06
C HIS A 319 -25.85 14.81 -9.69
N ASN A 320 -25.83 16.09 -10.04
CA ASN A 320 -24.66 16.67 -10.61
C ASN A 320 -24.08 17.69 -9.65
N CYS A 321 -24.58 17.63 -8.44
CA CYS A 321 -24.11 18.43 -7.31
C CYS A 321 -23.22 17.64 -6.36
N VAL A 322 -23.73 16.53 -5.84
CA VAL A 322 -23.00 15.73 -4.86
C VAL A 322 -21.81 15.04 -5.53
N ASN A 323 -20.64 15.11 -4.91
CA ASN A 323 -19.56 14.19 -5.22
C ASN A 323 -19.76 12.92 -4.41
N LEU A 324 -19.74 11.78 -5.10
CA LEU A 324 -19.98 10.50 -4.45
C LEU A 324 -18.78 9.60 -4.68
N ILE A 325 -18.27 9.01 -3.61
CA ILE A 325 -17.28 7.95 -3.69
C ILE A 325 -17.94 6.67 -3.20
N LEU A 326 -17.96 5.67 -4.05
CA LEU A 326 -18.44 4.36 -3.70
C LEU A 326 -17.24 3.41 -3.68
N LEU A 327 -17.00 2.75 -2.55
CA LEU A 327 -15.86 1.85 -2.45
C LEU A 327 -16.15 0.73 -1.46
N ALA A 328 -15.12 -0.06 -1.16
CA ALA A 328 -15.21 -1.17 -0.23
C ALA A 328 -13.96 -1.23 0.62
N ASP A 329 -14.07 -1.93 1.74
CA ASP A 329 -12.96 -2.02 2.68
C ASP A 329 -11.96 -3.14 2.32
N HIS A 330 -12.40 -4.17 1.60
CA HIS A 330 -11.57 -5.32 1.26
C HIS A 330 -12.43 -6.19 0.37
N GLY A 331 -11.84 -7.28 -0.13
CA GLY A 331 -12.53 -8.27 -0.93
C GLY A 331 -12.99 -9.48 -0.13
N MET A 332 -13.03 -10.63 -0.79
CA MET A 332 -13.62 -11.85 -0.26
C MET A 332 -13.01 -13.04 -1.02
N GLU A 333 -12.75 -14.13 -0.30
CA GLU A 333 -12.02 -15.26 -0.85
C GLU A 333 -12.67 -16.55 -0.36
N ALA A 334 -12.53 -17.66 -1.11
CA ALA A 334 -13.19 -18.90 -0.75
C ALA A 334 -12.37 -19.67 0.28
N ILE A 335 -13.05 -20.22 1.30
CA ILE A 335 -12.39 -21.03 2.30
C ILE A 335 -13.01 -22.42 2.34
N SER A 336 -12.28 -23.34 2.93
CA SER A 336 -12.88 -24.66 3.11
C SER A 336 -12.36 -25.29 4.39
N CYS A 337 -13.22 -26.07 5.04
CA CYS A 337 -12.76 -26.92 6.14
C CYS A 337 -11.72 -27.94 5.67
N ASN A 338 -11.61 -28.15 4.36
CA ASN A 338 -10.55 -28.95 3.78
C ASN A 338 -9.25 -28.19 3.58
N ARG A 339 -9.22 -26.89 3.87
CA ARG A 339 -8.03 -26.08 3.62
C ARG A 339 -7.60 -25.37 4.90
N LEU A 340 -7.26 -26.16 5.91
CA LEU A 340 -6.89 -25.66 7.23
C LEU A 340 -5.50 -26.15 7.60
N GLU A 341 -4.67 -25.22 8.09
CA GLU A 341 -3.39 -25.57 8.72
C GLU A 341 -3.62 -25.49 10.22
N TYR A 342 -3.16 -26.50 10.95
CA TYR A 342 -3.40 -26.64 12.39
C TYR A 342 -2.09 -26.47 13.15
N MET A 343 -2.10 -25.59 14.15
CA MET A 343 -0.94 -25.46 15.01
C MET A 343 -0.59 -26.78 15.69
N THR A 344 -1.60 -27.64 15.96
CA THR A 344 -1.33 -28.94 16.58
C THR A 344 -0.39 -29.79 15.76
N ASP A 345 -0.31 -29.55 14.44
CA ASP A 345 0.63 -30.31 13.63
C ASP A 345 2.07 -29.84 13.77
N TYR A 346 2.29 -28.71 14.43
CA TYR A 346 3.63 -28.13 14.54
C TYR A 346 4.14 -28.11 15.96
N PHE A 347 3.24 -28.17 16.94
CA PHE A 347 3.60 -28.09 18.33
C PHE A 347 3.02 -29.30 19.04
N ASN A 348 3.87 -30.03 19.75
CA ASN A 348 3.33 -31.05 20.65
C ASN A 348 2.55 -30.37 21.77
N THR A 349 3.02 -29.23 22.23
CA THR A 349 2.39 -28.45 23.28
C THR A 349 2.05 -27.07 22.71
N VAL A 350 0.81 -26.61 22.92
CA VAL A 350 0.36 -25.33 22.38
C VAL A 350 0.09 -24.32 23.51
N ASP A 351 1.16 -23.85 24.14
CA ASP A 351 0.99 -22.95 25.29
C ASP A 351 0.94 -21.50 24.84
N PHE A 352 0.05 -21.15 23.91
CA PHE A 352 0.01 -19.76 23.48
C PHE A 352 -1.37 -19.37 22.99
N PHE A 353 -1.58 -18.08 22.86
CA PHE A 353 -2.81 -17.53 22.34
C PHE A 353 -2.64 -17.23 20.86
N MET A 354 -3.63 -17.62 20.06
CA MET A 354 -3.58 -17.42 18.62
C MET A 354 -4.79 -16.63 18.15
N TYR A 355 -4.53 -15.50 17.46
CA TYR A 355 -5.52 -14.90 16.58
C TYR A 355 -5.56 -15.72 15.29
N GLU A 356 -6.62 -16.50 15.09
CA GLU A 356 -6.67 -17.50 14.02
C GLU A 356 -7.19 -16.92 12.73
N GLY A 357 -7.03 -17.67 11.64
CA GLY A 357 -7.71 -17.37 10.40
C GLY A 357 -6.81 -16.99 9.24
N ALA A 358 -7.20 -15.93 8.54
CA ALA A 358 -6.51 -15.48 7.34
C ALA A 358 -5.32 -14.57 7.63
N ALA A 359 -5.25 -13.93 8.80
CA ALA A 359 -4.11 -13.07 9.14
C ALA A 359 -3.67 -13.35 10.58
N PRO A 360 -3.17 -14.55 10.85
CA PRO A 360 -2.90 -14.95 12.23
C PRO A 360 -1.79 -14.16 12.88
N ARG A 361 -1.88 -14.07 14.21
CA ARG A 361 -0.79 -13.68 15.08
C ARG A 361 -0.78 -14.62 16.28
N ILE A 362 0.37 -14.69 16.94
CA ILE A 362 0.53 -15.54 18.10
C ILE A 362 1.22 -14.73 19.20
N ARG A 363 0.74 -14.89 20.43
CA ARG A 363 1.28 -14.16 21.56
C ARG A 363 1.20 -15.02 22.82
N SER A 364 1.87 -14.58 23.88
CA SER A 364 1.76 -15.26 25.17
C SER A 364 0.30 -15.34 25.62
N LYS A 365 -0.05 -16.47 26.22
CA LYS A 365 -1.34 -16.61 26.87
C LYS A 365 -1.38 -15.90 28.22
N ASN A 366 -0.22 -15.71 28.85
CA ASN A 366 -0.13 -15.07 30.15
C ASN A 366 0.30 -13.61 29.95
N VAL A 367 -0.65 -12.73 29.77
CA VAL A 367 -0.38 -11.31 29.59
C VAL A 367 -1.05 -10.49 30.68
N PRO A 368 -0.44 -9.37 31.06
CA PRO A 368 0.81 -8.92 30.43
C PRO A 368 2.13 -9.39 31.04
N LYS A 369 2.10 -10.22 32.07
CA LYS A 369 3.32 -10.70 32.71
C LYS A 369 4.39 -11.20 31.74
N ASP A 370 4.02 -12.16 30.91
CA ASP A 370 4.92 -12.74 29.95
C ASP A 370 4.80 -12.22 28.49
N PHE A 371 4.26 -11.04 28.30
CA PHE A 371 4.12 -10.51 26.95
C PHE A 371 5.46 -10.39 26.24
N TYR A 372 6.50 -9.90 26.94
CA TYR A 372 7.77 -9.64 26.25
C TYR A 372 8.71 -10.82 26.32
N THR A 373 8.71 -11.52 27.46
CA THR A 373 9.60 -12.67 27.61
C THR A 373 9.18 -13.80 26.68
N PHE A 374 7.90 -13.87 26.33
CA PHE A 374 7.42 -14.82 25.33
C PHE A 374 8.38 -14.87 24.13
N ASP A 375 8.75 -16.09 23.74
CA ASP A 375 9.83 -16.27 22.77
C ASP A 375 9.21 -16.39 21.37
N SER A 376 8.89 -15.21 20.82
CA SER A 376 8.36 -15.13 19.45
C SER A 376 9.33 -15.69 18.44
N GLU A 377 10.64 -15.53 18.65
CA GLU A 377 11.59 -16.05 17.68
C GLU A 377 11.55 -17.57 17.66
N ALA A 378 11.45 -18.20 18.85
CA ALA A 378 11.33 -19.65 18.91
C ALA A 378 10.05 -20.15 18.24
N ILE A 379 8.93 -19.46 18.48
CA ILE A 379 7.67 -19.81 17.80
C ILE A 379 7.87 -19.78 16.29
N VAL A 380 8.42 -18.68 15.76
CA VAL A 380 8.58 -18.56 14.30
C VAL A 380 9.47 -19.68 13.78
N LYS A 381 10.58 -19.92 14.46
CA LYS A 381 11.52 -20.98 14.07
C LYS A 381 10.86 -22.37 14.07
N LYS A 382 10.04 -22.65 15.08
CA LYS A 382 9.36 -23.94 15.18
C LYS A 382 8.31 -24.12 14.10
N LEU A 383 7.80 -23.03 13.56
CA LEU A 383 6.86 -23.07 12.46
C LEU A 383 7.53 -22.97 11.09
N THR A 384 8.85 -22.94 11.01
CA THR A 384 9.51 -22.62 9.74
C THR A 384 9.99 -23.89 9.04
N CYS A 385 9.62 -24.04 7.77
CA CYS A 385 10.13 -25.09 6.91
C CYS A 385 9.96 -26.46 7.54
N ARG A 386 8.70 -26.80 7.86
CA ARG A 386 8.39 -28.02 8.60
C ARG A 386 7.80 -29.11 7.73
N LYS A 387 6.95 -28.75 6.78
CA LYS A 387 6.38 -29.66 5.80
C LYS A 387 6.66 -29.09 4.42
N PRO A 388 6.84 -29.94 3.42
CA PRO A 388 7.27 -29.42 2.11
C PRO A 388 6.33 -28.38 1.52
N LYS A 389 5.02 -28.48 1.74
CA LYS A 389 4.07 -27.52 1.18
C LYS A 389 3.18 -26.94 2.29
N GLN A 390 3.81 -26.26 3.25
CA GLN A 390 3.04 -25.47 4.21
C GLN A 390 2.28 -24.37 3.52
N HIS A 391 1.03 -24.19 3.94
CA HIS A 391 0.15 -23.21 3.33
C HIS A 391 0.15 -21.87 4.08
N PHE A 392 1.21 -21.61 4.85
CA PHE A 392 1.44 -20.31 5.47
C PHE A 392 2.95 -20.16 5.66
N LYS A 393 3.39 -18.94 5.92
CA LYS A 393 4.76 -18.71 6.34
C LYS A 393 4.78 -17.79 7.56
N ALA A 394 5.52 -18.20 8.58
CA ALA A 394 5.67 -17.43 9.80
C ALA A 394 6.75 -16.36 9.68
N TYR A 395 6.53 -15.23 10.33
CA TYR A 395 7.43 -14.08 10.33
C TYR A 395 7.39 -13.40 11.69
N LEU A 396 8.55 -12.97 12.17
CA LEU A 396 8.57 -11.81 13.06
C LEU A 396 8.11 -10.60 12.27
N ALA A 397 7.41 -9.68 12.94
CA ALA A 397 6.82 -8.54 12.22
C ALA A 397 7.89 -7.73 11.46
N LYS A 398 9.08 -7.57 12.04
CA LYS A 398 10.12 -6.79 11.37
C LYS A 398 10.62 -7.43 10.06
N ASP A 399 10.43 -8.75 9.86
CA ASP A 399 10.84 -9.45 8.63
C ASP A 399 9.72 -9.50 7.58
N LEU A 400 8.51 -9.07 7.92
CA LEU A 400 7.44 -8.95 6.94
C LEU A 400 7.85 -8.02 5.81
N PRO A 401 7.43 -8.34 4.57
CA PRO A 401 7.57 -7.41 3.46
C PRO A 401 7.27 -5.97 3.88
N LYS A 402 8.19 -5.05 3.58
CA LYS A 402 8.08 -3.67 4.02
C LYS A 402 6.88 -2.97 3.40
N ARG A 403 6.49 -3.36 2.18
CA ARG A 403 5.28 -2.85 1.54
C ARG A 403 4.04 -3.01 2.42
N LEU A 404 4.04 -3.93 3.38
CA LEU A 404 2.88 -4.11 4.26
C LEU A 404 2.82 -3.08 5.37
N HIS A 405 3.92 -2.39 5.64
CA HIS A 405 4.00 -1.41 6.73
C HIS A 405 3.33 -1.92 8.00
N PHE A 406 3.68 -3.15 8.39
CA PHE A 406 2.98 -3.84 9.48
C PHE A 406 3.96 -4.32 10.56
N ALA A 407 4.47 -3.39 11.36
CA ALA A 407 5.39 -3.77 12.44
C ALA A 407 5.42 -2.79 13.61
N ASN A 408 5.30 -1.49 13.32
CA ASN A 408 5.62 -0.44 14.29
C ASN A 408 4.40 -0.10 15.14
N ASN A 409 3.97 -1.09 15.92
CA ASN A 409 2.93 -0.85 16.91
C ASN A 409 3.00 -1.97 17.94
N ILE A 410 2.92 -1.60 19.23
CA ILE A 410 2.98 -2.61 20.29
C ILE A 410 1.85 -3.63 20.16
N ARG A 411 0.73 -3.27 19.53
CA ARG A 411 -0.40 -4.20 19.40
C ARG A 411 -0.16 -5.26 18.34
N ILE A 412 0.79 -5.03 17.43
CA ILE A 412 1.16 -5.97 16.40
C ILE A 412 2.10 -6.97 17.04
N ASP A 413 1.54 -8.08 17.49
CA ASP A 413 2.33 -9.14 18.07
C ASP A 413 3.46 -9.51 17.12
N LYS A 414 4.61 -9.88 17.70
CA LYS A 414 5.76 -10.15 16.86
C LYS A 414 5.51 -11.30 15.90
N VAL A 415 4.89 -12.39 16.38
CA VAL A 415 4.64 -13.56 15.55
C VAL A 415 3.48 -13.27 14.61
N ASN A 416 3.75 -13.28 13.32
CA ASN A 416 2.74 -13.17 12.28
C ASN A 416 2.84 -14.37 11.33
N LEU A 417 1.69 -14.83 10.87
CA LEU A 417 1.59 -15.85 9.82
C LEU A 417 1.02 -15.21 8.56
N MET A 418 1.74 -15.33 7.45
CA MET A 418 1.19 -14.95 6.16
C MET A 418 0.59 -16.20 5.54
N VAL A 419 -0.73 -16.22 5.33
CA VAL A 419 -1.43 -17.45 4.93
C VAL A 419 -1.71 -17.42 3.43
N ASP A 420 -1.53 -18.58 2.78
CA ASP A 420 -1.86 -18.73 1.37
C ASP A 420 -3.34 -18.44 1.16
N ARG A 421 -3.64 -17.88 -0.03
CA ARG A 421 -5.03 -17.58 -0.34
C ARG A 421 -5.87 -18.86 -0.31
N GLN A 422 -7.07 -18.73 0.26
CA GLN A 422 -8.08 -19.80 0.37
C GLN A 422 -7.84 -20.75 1.54
N TRP A 423 -6.75 -20.57 2.27
CA TRP A 423 -6.43 -21.37 3.46
C TRP A 423 -6.62 -20.55 4.72
N LEU A 424 -6.66 -21.26 5.84
CA LEU A 424 -6.69 -20.64 7.16
C LEU A 424 -5.70 -21.35 8.05
N ALA A 425 -5.12 -20.62 8.99
CA ALA A 425 -4.23 -21.23 9.96
C ALA A 425 -4.89 -21.07 11.33
N VAL A 426 -5.14 -22.20 12.00
CA VAL A 426 -5.99 -22.26 13.18
C VAL A 426 -5.29 -23.17 14.19
N ARG A 427 -5.79 -23.17 15.42
CA ARG A 427 -5.11 -23.93 16.47
C ARG A 427 -5.27 -25.44 16.32
N ASN A 428 -6.50 -25.91 16.33
CA ASN A 428 -6.80 -27.33 16.31
C ASN A 428 -7.91 -27.76 15.41
N LYS A 429 -8.05 -29.06 15.26
CA LYS A 429 -9.02 -29.70 14.40
C LYS A 429 -10.50 -29.43 14.69
N LYS A 430 -10.77 -28.92 15.86
CA LYS A 430 -12.12 -28.49 16.19
C LYS A 430 -12.51 -27.18 15.56
N TYR A 431 -11.60 -26.48 14.89
CA TYR A 431 -11.98 -25.18 14.33
C TYR A 431 -13.20 -25.31 13.42
N LYS A 432 -14.15 -24.39 13.62
CA LYS A 432 -15.46 -24.57 13.01
C LYS A 432 -15.82 -23.55 11.94
N TYR A 433 -15.12 -22.41 11.85
CA TYR A 433 -15.55 -21.34 10.95
C TYR A 433 -14.82 -21.42 9.61
N CYS A 434 -14.98 -22.56 8.93
CA CYS A 434 -14.14 -22.82 7.78
C CYS A 434 -14.92 -23.00 6.48
N SER A 435 -16.21 -22.70 6.43
CA SER A 435 -16.94 -22.84 5.18
C SER A 435 -17.40 -21.48 4.66
N GLY A 436 -17.52 -21.38 3.34
CA GLY A 436 -17.96 -20.14 2.70
C GLY A 436 -16.78 -19.26 2.29
N GLY A 437 -16.70 -18.06 2.87
CA GLY A 437 -15.68 -17.12 2.47
C GLY A 437 -15.11 -16.34 3.64
N THR A 438 -13.91 -15.79 3.44
CA THR A 438 -13.38 -14.88 4.44
C THR A 438 -12.40 -13.91 3.79
N HIS A 439 -11.84 -13.05 4.62
CA HIS A 439 -10.85 -12.11 4.15
C HIS A 439 -9.88 -11.86 5.30
N GLY A 440 -8.79 -11.15 5.01
CA GLY A 440 -7.75 -10.91 5.98
C GLY A 440 -6.37 -11.01 5.36
N TYR A 441 -6.29 -11.69 4.21
CA TYR A 441 -5.04 -12.03 3.56
C TYR A 441 -4.27 -10.80 3.12
N ASP A 442 -3.02 -11.06 2.71
CA ASP A 442 -2.16 -10.13 1.97
C ASP A 442 -2.97 -9.28 1.00
N ASN A 443 -2.77 -7.95 1.06
CA ASN A 443 -3.56 -7.06 0.23
C ASN A 443 -3.17 -7.11 -1.24
N GLU A 444 -2.09 -7.83 -1.57
CA GLU A 444 -1.77 -8.06 -2.98
C GLU A 444 -2.71 -9.08 -3.63
N PHE A 445 -3.34 -9.97 -2.85
CA PHE A 445 -4.14 -11.01 -3.51
C PHE A 445 -5.31 -10.36 -4.24
N LYS A 446 -5.61 -10.87 -5.44
CA LYS A 446 -6.66 -10.28 -6.25
C LYS A 446 -8.02 -10.34 -5.54
N SER A 447 -8.31 -11.45 -4.86
CA SER A 447 -9.56 -11.58 -4.11
C SER A 447 -9.70 -10.58 -2.98
N MET A 448 -8.60 -10.01 -2.49
CA MET A 448 -8.65 -9.03 -1.43
C MET A 448 -8.84 -7.60 -1.95
N GLU A 449 -8.74 -7.39 -3.26
CA GLU A 449 -8.91 -6.05 -3.82
C GLU A 449 -10.34 -5.56 -3.71
N ALA A 450 -10.48 -4.24 -3.60
CA ALA A 450 -11.77 -3.62 -3.33
C ALA A 450 -12.17 -2.78 -4.54
N ILE A 451 -13.46 -2.42 -4.63
CA ILE A 451 -13.91 -1.52 -5.71
C ILE A 451 -13.62 -0.07 -5.33
N PHE A 452 -13.59 0.78 -6.35
CA PHE A 452 -13.56 2.24 -6.16
C PHE A 452 -14.23 2.85 -7.39
N LEU A 453 -15.36 3.50 -7.17
CA LEU A 453 -16.10 4.24 -8.20
C LEU A 453 -16.40 5.62 -7.65
N ALA A 454 -16.38 6.62 -8.53
CA ALA A 454 -16.64 7.98 -8.10
C ALA A 454 -17.47 8.68 -9.16
N HIS A 455 -18.30 9.62 -8.72
CA HIS A 455 -19.15 10.38 -9.64
C HIS A 455 -19.57 11.72 -9.03
N GLY A 456 -19.51 12.76 -9.85
CA GLY A 456 -19.88 14.09 -9.41
C GLY A 456 -19.03 15.12 -10.08
N PRO A 457 -19.34 16.39 -9.83
CA PRO A 457 -18.68 17.47 -10.59
C PRO A 457 -17.19 17.58 -10.31
N GLY A 458 -16.72 17.11 -9.15
CA GLY A 458 -15.30 17.09 -8.89
C GLY A 458 -14.52 16.04 -9.67
N PHE A 459 -15.23 15.08 -10.27
CA PHE A 459 -14.59 13.92 -10.90
C PHE A 459 -14.71 13.97 -12.41
N LYS A 460 -13.68 13.50 -13.10
CA LYS A 460 -13.77 13.30 -14.53
C LYS A 460 -14.93 12.36 -14.89
N GLU A 461 -15.35 12.47 -16.15
CA GLU A 461 -16.43 11.66 -16.69
C GLU A 461 -15.87 10.55 -17.59
N LYS A 462 -16.60 9.45 -17.66
CA LYS A 462 -16.26 8.27 -18.46
C LYS A 462 -14.76 8.03 -18.41
N THR A 463 -14.24 7.93 -17.21
CA THR A 463 -12.80 7.81 -17.05
C THR A 463 -12.48 6.58 -16.20
N GLU A 464 -11.50 5.80 -16.65
CA GLU A 464 -11.03 4.62 -15.92
C GLU A 464 -9.56 4.85 -15.54
N VAL A 465 -9.22 4.74 -14.26
CA VAL A 465 -7.86 4.97 -13.81
C VAL A 465 -7.28 3.64 -13.36
N THR A 466 -5.95 3.57 -13.32
CA THR A 466 -5.28 2.37 -12.81
C THR A 466 -5.52 2.24 -11.30
N SER A 467 -5.24 1.05 -10.79
CA SER A 467 -5.46 0.76 -9.39
C SER A 467 -4.62 1.71 -8.52
N PHE A 468 -5.11 1.94 -7.30
CA PHE A 468 -4.38 2.76 -6.33
C PHE A 468 -4.77 2.28 -4.95
N GLU A 469 -4.06 2.79 -3.94
CA GLU A 469 -4.24 2.28 -2.58
C GLU A 469 -5.25 3.10 -1.80
N ASN A 470 -5.99 2.42 -0.92
CA ASN A 470 -7.02 3.11 -0.14
C ASN A 470 -6.42 4.15 0.81
N ILE A 471 -5.10 4.14 1.09
CA ILE A 471 -4.50 5.20 1.90
C ILE A 471 -4.57 6.56 1.21
N GLU A 472 -4.71 6.58 -0.12
CA GLU A 472 -4.75 7.80 -0.91
C GLU A 472 -6.07 8.54 -0.77
N VAL A 473 -7.12 7.87 -0.30
CA VAL A 473 -8.50 8.39 -0.40
C VAL A 473 -8.72 9.57 0.55
N TYR A 474 -8.06 9.56 1.71
CA TYR A 474 -8.24 10.65 2.68
C TYR A 474 -7.83 12.00 2.10
N ASN A 475 -6.62 12.10 1.53
CA ASN A 475 -6.22 13.33 0.84
C ASN A 475 -7.23 13.74 -0.22
N LEU A 476 -7.72 12.75 -0.99
CA LEU A 476 -8.70 13.01 -2.05
C LEU A 476 -9.95 13.66 -1.49
N MET A 477 -10.48 13.11 -0.41
CA MET A 477 -11.70 13.64 0.19
C MET A 477 -11.47 15.05 0.71
N CYS A 478 -10.32 15.30 1.35
CA CYS A 478 -9.96 16.65 1.80
C CYS A 478 -9.97 17.62 0.63
N ASP A 479 -9.37 17.23 -0.49
CA ASP A 479 -9.38 18.05 -1.70
C ASP A 479 -10.81 18.35 -2.13
N LEU A 480 -11.66 17.32 -2.15
CA LEU A 480 -13.05 17.53 -2.56
C LEU A 480 -13.81 18.41 -1.57
N LEU A 481 -13.38 18.47 -0.32
CA LEU A 481 -14.02 19.35 0.65
C LEU A 481 -13.20 20.60 0.90
N LYS A 482 -12.15 20.82 0.11
CA LYS A 482 -11.27 21.97 0.27
C LYS A 482 -10.78 22.09 1.70
N LEU A 483 -10.37 20.95 2.27
CA LEU A 483 -9.83 20.88 3.62
C LEU A 483 -8.33 20.66 3.55
N LYS A 484 -7.65 21.14 4.53
CA LYS A 484 -6.24 20.80 4.65
C LYS A 484 -6.08 19.47 5.38
N PRO A 485 -5.39 18.49 4.81
CA PRO A 485 -5.31 17.18 5.46
C PRO A 485 -4.39 17.16 6.67
N ALA A 486 -4.81 16.43 7.71
CA ALA A 486 -3.88 16.07 8.76
C ALA A 486 -2.77 15.19 8.19
N PRO A 487 -1.60 15.15 8.82
CA PRO A 487 -0.49 14.34 8.26
C PRO A 487 -0.90 12.87 8.09
N ASN A 488 -0.61 12.30 6.92
CA ASN A 488 -1.07 10.93 6.63
C ASN A 488 -0.10 10.27 5.64
N ASN A 489 -0.42 9.02 5.24
CA ASN A 489 0.49 8.22 4.43
C ASN A 489 0.15 8.25 2.96
N GLY A 490 -0.99 8.81 2.60
CA GLY A 490 -1.25 9.11 1.21
C GLY A 490 -0.20 10.05 0.63
N THR A 491 -0.11 10.06 -0.69
CA THR A 491 0.82 10.95 -1.39
C THR A 491 -0.03 12.02 -2.08
N HIS A 492 -0.07 13.20 -1.47
CA HIS A 492 -1.01 14.24 -1.86
C HIS A 492 -0.73 14.75 -3.27
N GLY A 493 -1.72 14.59 -4.15
CA GLY A 493 -1.56 14.92 -5.54
C GLY A 493 -1.48 13.70 -6.44
N SER A 494 -1.21 12.51 -5.88
CA SER A 494 -1.04 11.33 -6.70
C SER A 494 -2.35 10.88 -7.35
N LEU A 495 -3.50 11.39 -6.91
CA LEU A 495 -4.79 11.06 -7.50
C LEU A 495 -5.39 12.21 -8.30
N ASN A 496 -4.58 13.21 -8.66
CA ASN A 496 -5.11 14.38 -9.36
C ASN A 496 -5.68 14.04 -10.73
N HIS A 497 -5.26 12.94 -11.34
CA HIS A 497 -5.81 12.53 -12.62
C HIS A 497 -7.25 12.04 -12.53
N LEU A 498 -7.81 11.84 -11.32
CA LEU A 498 -9.22 11.52 -11.19
C LEU A 498 -10.11 12.76 -11.19
N LEU A 499 -9.54 13.95 -10.99
CA LEU A 499 -10.31 15.14 -10.65
C LEU A 499 -10.37 16.11 -11.82
N LYS A 500 -11.51 16.81 -11.93
CA LYS A 500 -11.70 17.79 -13.00
C LYS A 500 -10.81 19.02 -12.82
N ASN A 501 -10.75 19.57 -11.61
CA ASN A 501 -9.85 20.68 -11.31
C ASN A 501 -9.24 20.40 -9.95
N PRO A 502 -8.08 19.77 -9.93
CA PRO A 502 -7.43 19.39 -8.66
C PRO A 502 -7.32 20.56 -7.71
N PHE A 503 -7.71 20.31 -6.47
CA PHE A 503 -7.69 21.36 -5.47
C PHE A 503 -6.29 21.56 -4.89
N TYR A 504 -5.46 20.52 -4.97
CA TYR A 504 -4.12 20.54 -4.39
C TYR A 504 -3.09 20.35 -5.47
N ASN A 505 -2.07 21.20 -5.48
CA ASN A 505 -1.02 21.05 -6.48
C ASN A 505 0.31 20.68 -5.82
N PRO A 506 0.87 19.51 -6.08
CA PRO A 506 2.00 19.05 -5.26
C PRO A 506 3.26 19.85 -5.53
N SER A 507 4.11 19.91 -4.50
CA SER A 507 5.38 20.61 -4.46
C SER A 507 6.53 19.61 -4.45
N PRO A 508 7.58 19.84 -5.22
CA PRO A 508 8.76 18.98 -5.12
C PRO A 508 9.40 19.13 -3.74
N ALA A 509 9.95 18.03 -3.23
CA ALA A 509 10.73 18.09 -2.00
C ALA A 509 12.06 18.79 -2.26
N LYS A 510 12.44 19.70 -1.37
CA LYS A 510 13.73 20.35 -1.50
C LYS A 510 14.81 19.48 -0.85
N GLU A 511 15.91 19.28 -1.58
CA GLU A 511 17.06 18.56 -1.05
C GLU A 511 17.49 19.18 0.27
N GLN A 512 17.75 18.34 1.26
CA GLN A 512 18.28 18.86 2.51
C GLN A 512 19.80 18.78 2.57
N SER A 513 20.39 17.86 1.82
CA SER A 513 21.84 17.64 1.85
C SER A 513 22.40 17.70 0.45
N PRO A 514 23.06 18.80 0.06
CA PRO A 514 23.70 18.82 -1.26
C PRO A 514 25.01 18.06 -1.21
N PRO A 515 25.58 17.67 -2.35
CA PRO A 515 26.80 16.86 -2.30
C PRO A 515 27.99 17.65 -1.77
N LEU A 516 28.89 16.92 -1.13
CA LEU A 516 30.26 17.36 -0.86
C LEU A 516 31.19 16.84 -1.94
N TYR A 517 32.47 17.17 -1.80
CA TYR A 517 33.49 16.81 -2.77
C TYR A 517 34.33 15.64 -2.29
N CYS A 518 34.49 14.65 -3.14
CA CYS A 518 35.55 13.68 -2.94
C CYS A 518 36.67 14.05 -3.91
N LEU A 519 37.82 14.33 -3.34
CA LEU A 519 38.97 14.82 -4.10
C LEU A 519 39.81 13.63 -4.53
N PHE A 520 40.24 13.64 -5.78
CA PHE A 520 41.26 12.72 -6.20
C PHE A 520 42.53 12.94 -5.36
N GLY A 521 43.27 11.87 -5.12
CA GLY A 521 44.47 11.95 -4.32
C GLY A 521 45.42 10.81 -4.58
N PRO A 522 46.52 10.76 -3.84
CA PRO A 522 47.49 9.70 -4.04
C PRO A 522 47.05 8.40 -3.41
N VAL A 523 47.58 7.30 -3.95
CA VAL A 523 47.47 6.05 -3.21
C VAL A 523 48.23 6.20 -1.90
N PRO A 524 47.67 5.83 -0.75
CA PRO A 524 48.44 5.93 0.50
C PRO A 524 49.69 5.03 0.44
N SER A 525 50.76 5.50 1.07
CA SER A 525 51.98 4.71 1.19
C SER A 525 52.46 4.73 2.64
N PRO A 526 52.58 3.54 3.27
CA PRO A 526 52.19 2.28 2.63
C PRO A 526 50.68 2.09 2.64
N ASP A 527 50.22 1.16 1.82
CA ASP A 527 48.81 0.84 1.71
C ASP A 527 48.50 -0.22 2.76
N VAL A 528 47.79 0.18 3.81
CA VAL A 528 47.45 -0.72 4.89
C VAL A 528 45.99 -1.17 4.81
N SER A 529 45.39 -1.13 3.61
CA SER A 529 44.02 -1.59 3.44
C SER A 529 43.93 -3.11 3.55
N GLY A 530 45.03 -3.81 3.32
CA GLY A 530 44.96 -5.25 3.13
C GLY A 530 44.32 -5.68 1.83
N CYS A 531 43.98 -4.75 0.94
CA CYS A 531 43.38 -5.10 -0.35
C CYS A 531 44.45 -5.57 -1.32
N LYS A 532 44.06 -6.34 -2.33
CA LYS A 532 45.02 -6.84 -3.30
C LYS A 532 44.42 -6.94 -4.69
N CYS A 533 45.17 -6.51 -5.71
CA CYS A 533 44.77 -6.72 -7.09
C CYS A 533 46.04 -6.82 -7.92
N SER A 534 46.60 -8.03 -8.00
CA SER A 534 47.92 -8.21 -8.60
C SER A 534 47.90 -8.07 -10.12
N SER A 535 46.72 -8.12 -10.75
CA SER A 535 46.66 -8.02 -12.21
C SER A 535 46.95 -6.62 -12.74
N ILE A 536 46.78 -5.59 -11.92
CA ILE A 536 46.92 -4.21 -12.38
C ILE A 536 48.39 -3.91 -12.62
N THR A 537 48.73 -3.44 -13.81
CA THR A 537 50.12 -3.15 -14.13
C THR A 537 50.50 -1.68 -13.95
N ASP A 538 49.63 -0.73 -14.30
CA ASP A 538 49.90 0.68 -14.03
C ASP A 538 48.75 1.19 -13.17
N LEU A 539 49.01 1.29 -11.86
CA LEU A 539 47.95 1.66 -10.92
C LEU A 539 47.53 3.12 -11.09
N GLU A 540 48.49 4.04 -11.32
CA GLU A 540 48.09 5.43 -11.48
C GLU A 540 47.21 5.60 -12.72
N ALA A 541 47.48 4.84 -13.78
CA ALA A 541 46.64 4.90 -14.97
C ALA A 541 45.26 4.33 -14.72
N VAL A 542 45.16 3.19 -14.04
CA VAL A 542 43.86 2.58 -13.76
C VAL A 542 43.03 3.50 -12.89
N ASN A 543 43.65 4.16 -11.91
CA ASN A 543 42.92 5.07 -11.05
C ASN A 543 42.53 6.38 -11.72
N GLN A 544 43.21 6.79 -12.79
CA GLN A 544 42.74 7.95 -13.54
C GLN A 544 41.42 7.69 -14.27
N ARG A 545 41.07 6.43 -14.55
CA ARG A 545 39.72 6.16 -15.05
C ARG A 545 38.62 6.61 -14.08
N LEU A 546 38.94 6.80 -12.80
CA LEU A 546 38.01 7.28 -11.79
C LEU A 546 37.96 8.80 -11.68
N ASN A 547 38.63 9.51 -12.57
CA ASN A 547 38.78 10.96 -12.50
C ASN A 547 38.43 11.47 -13.90
N LEU A 548 37.14 11.48 -14.21
CA LEU A 548 36.69 11.73 -15.56
C LEU A 548 36.75 13.21 -15.91
N ILE A 549 36.99 13.46 -17.19
CA ILE A 549 36.82 14.79 -17.76
C ILE A 549 35.36 15.21 -17.70
N ASP A 550 35.12 16.53 -17.74
CA ASP A 550 33.77 17.05 -17.55
C ASP A 550 32.78 16.46 -18.55
N GLN A 551 33.21 16.24 -19.78
CA GLN A 551 32.26 15.72 -20.76
C GLN A 551 32.01 14.23 -20.55
N ALA A 552 32.98 13.50 -20.00
CA ALA A 552 32.76 12.11 -19.60
C ALA A 552 31.78 12.03 -18.44
N LYS A 553 31.91 12.93 -17.48
CA LYS A 553 30.93 12.99 -16.39
C LYS A 553 29.53 13.22 -16.93
N MET A 554 29.38 14.16 -17.85
CA MET A 554 28.06 14.51 -18.35
C MET A 554 27.47 13.37 -19.17
N GLN A 555 28.31 12.69 -19.94
CA GLN A 555 27.90 11.47 -20.64
C GLN A 555 27.46 10.39 -19.65
N SER A 556 28.23 10.17 -18.60
CA SER A 556 27.81 9.19 -17.60
C SER A 556 26.49 9.60 -16.96
N GLU A 557 26.36 10.89 -16.66
CA GLU A 557 25.14 11.41 -16.08
C GLU A 557 23.94 11.14 -16.99
N ALA A 558 24.11 11.37 -18.29
CA ALA A 558 23.03 11.15 -19.25
C ALA A 558 22.67 9.66 -19.37
N ASP A 559 23.67 8.78 -19.36
CA ASP A 559 23.35 7.37 -19.60
C ASP A 559 22.88 6.66 -18.34
N ASN A 560 23.45 7.00 -17.18
CA ASN A 560 23.20 6.26 -15.94
C ASN A 560 22.31 6.99 -14.94
N LEU A 561 22.09 8.30 -15.09
CA LEU A 561 21.12 9.02 -14.26
C LEU A 561 20.14 9.74 -15.16
N PRO A 562 19.44 9.01 -16.03
CA PRO A 562 18.64 9.70 -17.06
C PRO A 562 17.44 10.43 -16.48
N TYR A 563 17.04 10.10 -15.26
CA TYR A 563 15.94 10.80 -14.61
C TYR A 563 16.42 11.79 -13.56
N GLY A 564 17.71 12.13 -13.57
CA GLY A 564 18.27 13.01 -12.56
C GLY A 564 18.86 12.23 -11.41
N ARG A 565 19.78 12.89 -10.69
CA ARG A 565 20.32 12.22 -9.51
C ARG A 565 19.31 12.30 -8.36
N PRO A 566 19.23 11.27 -7.51
CA PRO A 566 18.40 11.36 -6.31
C PRO A 566 18.74 12.59 -5.47
N HIS A 567 17.71 13.28 -5.00
CA HIS A 567 17.92 14.33 -4.01
C HIS A 567 17.94 13.71 -2.60
N VAL A 568 18.74 14.27 -1.72
CA VAL A 568 18.91 13.70 -0.39
C VAL A 568 18.17 14.57 0.60
N LEU A 569 17.09 14.02 1.16
CA LEU A 569 16.27 14.70 2.16
C LEU A 569 16.75 14.44 3.58
N GLN A 570 17.37 13.30 3.81
CA GLN A 570 18.07 13.01 5.04
C GLN A 570 19.24 13.98 5.23
N HIS A 571 19.64 14.19 6.49
CA HIS A 571 20.87 14.91 6.77
C HIS A 571 22.03 13.93 6.64
N SER A 572 22.78 14.03 5.55
CA SER A 572 23.81 13.05 5.28
C SER A 572 25.00 13.76 4.65
N LYS A 573 26.22 13.39 5.03
CA LYS A 573 27.40 13.83 4.32
C LYS A 573 27.74 12.79 3.26
N TYR A 574 27.82 13.22 2.00
CA TYR A 574 28.12 12.31 0.92
C TYR A 574 28.75 13.09 -0.22
N CYS A 575 29.34 12.35 -1.14
CA CYS A 575 29.89 12.95 -2.36
C CYS A 575 29.53 12.04 -3.52
N LEU A 576 29.59 12.58 -4.72
CA LEU A 576 29.23 11.83 -5.91
C LEU A 576 30.48 11.29 -6.56
N LEU A 577 30.49 9.98 -6.84
CA LEU A 577 31.59 9.34 -7.55
C LEU A 577 31.11 9.06 -8.97
N HIS A 578 31.72 9.74 -9.93
CA HIS A 578 31.37 9.57 -11.35
C HIS A 578 32.34 8.53 -11.95
N GLN A 579 31.75 7.58 -12.68
CA GLN A 579 32.44 6.53 -13.39
C GLN A 579 31.76 6.35 -14.76
N THR A 580 32.46 5.74 -15.70
CA THR A 580 31.94 5.51 -17.05
C THR A 580 30.61 4.77 -17.02
N LYS A 581 30.56 3.65 -16.30
CA LYS A 581 29.39 2.78 -16.35
C LYS A 581 28.42 2.96 -15.19
N TYR A 582 28.77 3.73 -14.16
CA TYR A 582 27.90 3.84 -13.01
C TYR A 582 28.29 5.08 -12.24
N ILE A 583 27.31 5.63 -11.51
CA ILE A 583 27.55 6.78 -10.63
C ILE A 583 26.98 6.41 -9.27
N SER A 584 27.62 6.92 -8.20
CA SER A 584 27.16 6.65 -6.85
C SER A 584 27.26 7.91 -6.00
N ALA A 585 26.46 7.94 -4.95
CA ALA A 585 26.62 8.91 -3.86
C ALA A 585 27.24 8.16 -2.69
N TYR A 586 28.55 8.37 -2.46
CA TYR A 586 29.27 7.73 -1.38
C TYR A 586 29.17 8.58 -0.10
N SER A 587 28.80 7.95 1.01
CA SER A 587 28.54 8.66 2.26
C SER A 587 29.49 8.18 3.34
N GLN A 588 30.27 9.11 3.88
CA GLN A 588 31.13 8.81 5.01
C GLN A 588 30.33 8.42 6.25
N ASP A 589 29.06 8.82 6.33
CA ASP A 589 28.25 8.49 7.50
C ASP A 589 28.02 6.99 7.64
N ILE A 590 28.08 6.24 6.55
CA ILE A 590 27.84 4.80 6.60
C ILE A 590 28.98 4.05 5.94
N LEU A 591 30.04 4.76 5.51
CA LEU A 591 31.20 4.14 4.88
C LEU A 591 30.83 3.38 3.60
N MET A 592 29.80 3.86 2.90
CA MET A 592 29.31 3.20 1.69
C MET A 592 28.32 4.06 0.92
N PRO A 593 27.96 3.63 -0.27
CA PRO A 593 27.03 4.47 -1.02
C PRO A 593 25.63 4.55 -0.39
N LEU A 594 25.06 5.76 -0.44
CA LEU A 594 23.62 5.91 -0.26
C LEU A 594 22.87 5.28 -1.43
N TRP A 595 23.43 5.39 -2.63
CA TRP A 595 22.82 4.84 -3.83
C TRP A 595 23.89 4.71 -4.90
N ASN A 596 23.59 3.85 -5.87
CA ASN A 596 24.45 3.47 -6.96
C ASN A 596 23.54 3.31 -8.17
N SER A 597 23.88 3.94 -9.30
CA SER A 597 22.96 3.98 -10.45
C SER A 597 23.68 3.72 -11.76
N TYR A 598 23.09 2.84 -12.58
CA TYR A 598 23.67 2.49 -13.87
C TYR A 598 22.56 2.02 -14.80
N THR A 599 22.81 2.16 -16.10
CA THR A 599 21.88 1.67 -17.12
C THR A 599 22.51 0.53 -17.91
N ILE A 600 21.78 -0.57 -18.04
CA ILE A 600 22.23 -1.70 -18.85
C ILE A 600 21.34 -1.79 -20.08
N SER A 601 21.96 -1.98 -21.24
CA SER A 601 21.26 -2.05 -22.50
C SER A 601 20.65 -3.44 -22.69
N LYS A 602 19.85 -3.60 -23.74
CA LYS A 602 19.36 -4.92 -24.09
C LYS A 602 20.50 -5.76 -24.63
N SER A 603 20.76 -6.88 -23.96
CA SER A 603 21.80 -7.86 -24.28
C SER A 603 23.21 -7.36 -23.94
N LEU A 604 24.11 -8.32 -23.71
CA LEU A 604 25.50 -8.05 -23.37
C LEU A 604 26.40 -8.49 -24.53
N PRO A 612 33.66 -11.74 -13.30
CA PRO A 612 33.25 -12.12 -11.95
C PRO A 612 34.44 -12.37 -11.03
N SER A 613 35.30 -11.36 -10.89
CA SER A 613 36.32 -11.34 -9.86
C SER A 613 35.72 -10.73 -8.61
N ALA A 614 35.72 -11.47 -7.50
CA ALA A 614 35.10 -10.91 -6.30
C ALA A 614 36.17 -10.26 -5.42
N SER A 615 37.00 -11.06 -4.77
CA SER A 615 38.11 -10.51 -4.00
C SER A 615 39.43 -11.13 -4.41
N ASP A 616 39.52 -11.58 -5.67
CA ASP A 616 40.81 -11.74 -6.32
C ASP A 616 41.44 -10.38 -6.58
N CYS A 617 40.60 -9.38 -6.79
CA CYS A 617 41.05 -8.05 -7.19
C CYS A 617 40.15 -7.04 -6.53
N LEU A 618 40.72 -6.23 -5.64
CA LEU A 618 40.01 -5.12 -5.02
C LEU A 618 41.04 -4.15 -4.50
N ARG A 619 40.72 -2.87 -4.52
CA ARG A 619 41.67 -1.87 -4.07
C ARG A 619 40.91 -0.70 -3.48
N LEU A 620 41.61 0.06 -2.64
CA LEU A 620 41.04 1.28 -2.12
C LEU A 620 40.75 2.28 -3.24
N ASP A 621 39.83 3.18 -2.95
CA ASP A 621 39.46 4.28 -3.82
C ASP A 621 40.23 5.52 -3.36
N VAL A 622 41.06 6.09 -4.24
CA VAL A 622 41.88 7.23 -3.83
C VAL A 622 41.08 8.50 -3.63
N ARG A 623 39.82 8.52 -4.05
CA ARG A 623 39.00 9.71 -3.82
C ARG A 623 38.36 9.76 -2.45
N ILE A 624 38.44 8.68 -1.69
CA ILE A 624 37.80 8.57 -0.38
C ILE A 624 38.89 8.57 0.69
N PRO A 625 38.87 9.51 1.64
CA PRO A 625 39.80 9.41 2.78
C PRO A 625 39.71 8.07 3.50
N THR A 626 40.90 7.52 3.79
CA THR A 626 41.04 6.21 4.44
C THR A 626 40.17 6.05 5.68
N VAL A 627 40.08 7.08 6.51
CA VAL A 627 39.31 6.98 7.73
C VAL A 627 37.82 6.91 7.43
N GLN A 628 37.43 7.24 6.20
CA GLN A 628 36.05 7.19 5.76
C GLN A 628 35.78 6.01 4.83
N SER A 629 36.65 5.00 4.86
CA SER A 629 36.62 3.91 3.92
C SER A 629 36.49 2.56 4.62
N GLN A 630 35.80 1.66 3.94
CA GLN A 630 35.90 0.25 4.22
C GLN A 630 37.25 -0.25 3.72
N THR A 631 37.84 -1.19 4.46
CA THR A 631 39.06 -1.84 4.02
C THR A 631 38.82 -3.33 3.84
N CYS A 632 39.64 -3.93 2.99
CA CYS A 632 39.64 -5.37 2.87
C CYS A 632 39.96 -6.05 4.20
N SER A 633 40.82 -5.43 5.01
CA SER A 633 41.10 -5.97 6.33
C SER A 633 39.86 -5.90 7.22
N ASN A 634 38.99 -4.90 7.04
CA ASN A 634 37.73 -4.84 7.79
C ASN A 634 36.92 -6.12 7.61
N TYR A 635 37.05 -6.79 6.46
CA TYR A 635 36.36 -8.06 6.22
C TYR A 635 37.29 -9.23 6.56
N GLN A 636 37.49 -9.44 7.85
CA GLN A 636 38.37 -10.54 8.28
C GLN A 636 37.76 -11.89 7.94
N PRO A 637 38.62 -12.85 7.76
CA PRO A 637 38.18 -14.20 7.38
C PRO A 637 37.08 -14.82 8.26
N ASP A 638 37.25 -14.87 9.56
CA ASP A 638 36.24 -15.46 10.45
C ASP A 638 34.95 -14.57 10.44
N LEU A 639 34.09 -14.74 9.42
CA LEU A 639 32.95 -13.84 9.34
C LEU A 639 31.80 -14.48 8.59
N ALA A 640 30.57 -14.09 8.94
CA ALA A 640 29.37 -14.40 8.19
C ALA A 640 29.06 -13.35 7.13
N ILE A 641 29.88 -12.31 7.04
CA ILE A 641 29.66 -11.21 6.11
C ILE A 641 30.82 -11.17 5.12
N THR A 642 30.49 -10.85 3.87
CA THR A 642 31.48 -10.74 2.82
C THR A 642 31.12 -9.52 1.99
N PRO A 643 32.09 -8.92 1.31
CA PRO A 643 31.78 -7.76 0.46
C PRO A 643 30.84 -8.11 -0.68
N GLY A 644 29.77 -7.34 -0.81
CA GLY A 644 28.95 -7.38 -2.02
C GLY A 644 29.12 -6.11 -2.83
N PHE A 645 28.90 -6.15 -4.15
CA PHE A 645 29.05 -5.00 -5.04
C PHE A 645 27.68 -4.41 -5.44
N LEU A 646 27.58 -3.06 -5.46
CA LEU A 646 26.32 -2.47 -5.90
C LEU A 646 26.24 -2.41 -7.41
N TYR A 647 27.21 -1.76 -8.04
CA TYR A 647 27.34 -1.94 -9.46
C TYR A 647 28.10 -3.23 -9.72
N PRO A 648 27.50 -4.23 -10.38
CA PRO A 648 28.13 -5.55 -10.46
C PRO A 648 29.30 -5.53 -11.43
N PRO A 649 30.47 -5.97 -10.97
CA PRO A 649 31.62 -6.03 -11.89
C PRO A 649 31.40 -6.97 -13.03
N ASP A 650 30.44 -7.89 -12.90
CA ASP A 650 30.24 -8.82 -14.00
C ASP A 650 29.56 -8.15 -15.18
N PHE A 651 29.12 -6.89 -15.03
CA PHE A 651 28.55 -6.14 -16.15
C PHE A 651 29.56 -5.31 -16.92
N SER A 652 30.71 -5.00 -16.35
CA SER A 652 31.63 -4.14 -17.08
C SER A 652 32.41 -4.97 -18.07
N SER A 653 32.68 -4.36 -19.23
CA SER A 653 33.52 -5.01 -20.23
C SER A 653 34.86 -5.41 -19.63
N SER A 654 35.34 -6.58 -20.00
CA SER A 654 36.64 -7.01 -19.54
C SER A 654 37.69 -5.99 -19.99
N GLY A 655 38.77 -5.90 -19.22
CA GLY A 655 39.76 -4.89 -19.47
C GLY A 655 39.71 -3.80 -18.42
N PRO A 656 40.22 -2.61 -18.76
CA PRO A 656 40.28 -1.54 -17.77
C PRO A 656 38.93 -1.16 -17.18
N GLU A 657 37.84 -1.32 -17.93
CA GLU A 657 36.54 -0.97 -17.39
C GLU A 657 36.26 -1.69 -16.09
N GLN A 658 36.61 -2.99 -16.02
CA GLN A 658 36.26 -3.77 -14.83
C GLN A 658 36.95 -3.26 -13.58
N TYR A 659 38.13 -2.66 -13.72
CA TYR A 659 38.79 -2.10 -12.55
C TYR A 659 37.96 -0.99 -11.91
N ASP A 660 37.12 -0.29 -12.69
CA ASP A 660 36.30 0.81 -12.13
C ASP A 660 35.28 0.31 -11.12
N ALA A 661 34.87 -0.95 -11.21
CA ALA A 661 33.93 -1.49 -10.25
C ALA A 661 34.61 -2.12 -9.05
N LEU A 662 35.88 -2.51 -9.17
CA LEU A 662 36.55 -3.28 -8.12
C LEU A 662 37.22 -2.39 -7.06
N ILE A 663 36.44 -1.48 -6.47
CA ILE A 663 36.96 -0.52 -5.49
C ILE A 663 36.11 -0.54 -4.23
N THR A 664 36.76 -0.21 -3.09
CA THR A 664 36.14 -0.25 -1.76
C THR A 664 35.03 0.78 -1.57
N SER A 665 34.77 1.64 -2.52
CA SER A 665 33.62 2.52 -2.49
C SER A 665 32.41 1.92 -3.18
N ASN A 666 32.55 0.73 -3.77
CA ASN A 666 31.51 0.03 -4.52
C ASN A 666 31.07 -1.25 -3.79
N ILE A 667 31.34 -1.34 -2.49
CA ILE A 667 31.04 -2.55 -1.75
C ILE A 667 30.13 -2.23 -0.57
N VAL A 668 29.33 -3.24 -0.23
CA VAL A 668 28.37 -3.18 0.86
C VAL A 668 28.54 -4.48 1.63
N PRO A 669 28.41 -4.46 2.96
CA PRO A 669 28.54 -5.71 3.74
C PRO A 669 27.31 -6.60 3.53
N MET A 670 27.53 -7.81 3.06
CA MET A 670 26.43 -8.75 2.81
C MET A 670 26.64 -10.03 3.58
N TYR A 671 25.59 -10.48 4.27
CA TYR A 671 25.55 -11.86 4.73
C TYR A 671 25.81 -12.79 3.56
N LYS A 672 26.57 -13.84 3.81
CA LYS A 672 26.88 -14.80 2.74
C LYS A 672 25.61 -15.38 2.15
N GLU A 673 24.60 -15.65 2.98
CA GLU A 673 23.38 -16.23 2.45
C GLU A 673 22.57 -15.22 1.66
N PHE A 674 22.70 -13.93 1.99
CA PHE A 674 22.05 -12.91 1.17
C PHE A 674 22.83 -12.69 -0.13
N ALA A 675 24.17 -12.70 -0.04
CA ALA A 675 24.98 -12.58 -1.24
C ALA A 675 24.60 -13.62 -2.27
N ARG A 676 24.26 -14.82 -1.79
CA ARG A 676 23.85 -15.88 -2.69
C ARG A 676 22.61 -15.47 -3.47
N LEU A 677 21.60 -14.93 -2.78
CA LEU A 677 20.46 -14.34 -3.46
C LEU A 677 20.88 -13.20 -4.38
N TRP A 678 21.66 -12.25 -3.85
CA TRP A 678 22.07 -11.07 -4.61
C TRP A 678 22.83 -11.44 -5.88
N ASN A 679 23.82 -12.31 -5.76
CA ASN A 679 24.63 -12.67 -6.93
C ASN A 679 23.77 -13.36 -7.99
N TYR A 680 22.91 -14.28 -7.57
CA TYR A 680 22.03 -14.93 -8.53
C TYR A 680 21.13 -13.90 -9.21
N PHE A 681 20.61 -12.95 -8.45
CA PHE A 681 19.77 -11.92 -9.03
C PHE A 681 20.52 -11.12 -10.09
N HIS A 682 21.73 -10.62 -9.74
CA HIS A 682 22.36 -9.74 -10.71
C HIS A 682 23.10 -10.50 -11.80
N SER A 683 23.51 -11.74 -11.57
CA SER A 683 24.16 -12.50 -12.65
C SER A 683 23.16 -13.15 -13.62
N THR A 684 21.99 -13.55 -13.15
CA THR A 684 21.06 -14.34 -13.97
C THR A 684 19.72 -13.67 -14.18
N LEU A 685 19.07 -13.19 -13.12
CA LEU A 685 17.73 -12.62 -13.28
C LEU A 685 17.78 -11.28 -14.00
N LEU A 686 18.69 -10.43 -13.56
CA LEU A 686 18.77 -9.07 -14.10
C LEU A 686 19.02 -9.04 -15.60
N PRO A 687 20.01 -9.78 -16.16
CA PRO A 687 20.13 -9.81 -17.62
C PRO A 687 18.88 -10.30 -18.35
N LYS A 688 18.13 -11.23 -17.77
CA LYS A 688 16.89 -11.69 -18.40
C LYS A 688 15.84 -10.59 -18.38
N TYR A 689 15.67 -9.93 -17.23
CA TYR A 689 14.81 -8.74 -17.15
C TYR A 689 15.20 -7.72 -18.21
N ALA A 690 16.49 -7.44 -18.35
CA ALA A 690 16.94 -6.41 -19.27
C ALA A 690 16.65 -6.77 -20.72
N THR A 691 16.76 -8.07 -21.06
CA THR A 691 16.43 -8.51 -22.41
C THR A 691 14.94 -8.40 -22.67
N GLU A 692 14.13 -8.82 -21.71
CA GLU A 692 12.69 -8.70 -21.85
C GLU A 692 12.23 -7.24 -21.99
N ARG A 693 12.83 -6.32 -21.24
CA ARG A 693 12.35 -4.95 -21.13
C ARG A 693 13.12 -3.95 -22.00
N ASN A 694 14.04 -4.45 -22.82
CA ASN A 694 14.83 -3.63 -23.75
C ASN A 694 15.71 -2.65 -22.99
N GLY A 695 16.47 -3.17 -22.04
CA GLY A 695 17.32 -2.38 -21.19
C GLY A 695 16.66 -2.05 -19.87
N LEU A 696 17.49 -1.68 -18.89
CA LEU A 696 17.02 -1.29 -17.57
C LEU A 696 17.91 -0.20 -16.97
N ASN A 697 17.30 0.83 -16.41
CA ASN A 697 18.03 1.67 -15.47
C ASN A 697 17.90 1.07 -14.08
N VAL A 698 19.04 0.97 -13.38
CA VAL A 698 19.12 0.31 -12.08
C VAL A 698 19.63 1.32 -11.07
N ILE A 699 18.87 1.52 -10.01
CA ILE A 699 19.42 2.23 -8.85
C ILE A 699 19.21 1.35 -7.63
N SER A 700 20.27 1.21 -6.84
CA SER A 700 20.29 0.29 -5.71
C SER A 700 21.04 0.93 -4.53
N GLY A 701 20.85 0.35 -3.35
CA GLY A 701 21.51 0.87 -2.18
C GLY A 701 21.05 0.24 -0.90
N PRO A 702 21.65 0.68 0.20
CA PRO A 702 21.30 0.13 1.52
C PRO A 702 20.15 0.87 2.17
N ILE A 703 19.46 0.15 3.06
CA ILE A 703 18.47 0.73 3.96
C ILE A 703 18.82 0.33 5.37
N PHE A 704 18.70 1.29 6.30
CA PHE A 704 18.84 1.05 7.73
C PHE A 704 17.50 1.40 8.37
N ASP A 705 16.71 0.42 8.74
CA ASP A 705 15.49 0.71 9.47
C ASP A 705 15.44 -0.11 10.76
N TYR A 706 16.38 0.18 11.67
CA TYR A 706 16.46 -0.63 12.87
C TYR A 706 15.35 -0.37 13.88
N ASN A 707 14.64 0.76 13.82
CA ASN A 707 13.45 0.93 14.66
C ASN A 707 12.15 0.54 13.93
N TYR A 708 12.28 -0.12 12.77
CA TYR A 708 11.21 -0.66 11.92
C TYR A 708 9.96 0.21 11.83
N ASP A 709 10.14 1.54 11.68
CA ASP A 709 9.00 2.44 11.51
C ASP A 709 8.70 2.76 10.03
N GLY A 710 9.40 2.12 9.09
CA GLY A 710 9.19 2.39 7.68
C GLY A 710 9.89 3.63 7.15
N HIS A 711 10.68 4.32 7.97
CA HIS A 711 11.41 5.52 7.57
C HIS A 711 12.90 5.35 7.82
N PHE A 712 13.68 6.14 7.09
CA PHE A 712 15.08 6.30 7.46
C PHE A 712 15.16 6.82 8.89
N ASP A 713 16.30 6.58 9.52
CA ASP A 713 16.51 6.96 10.91
C ASP A 713 17.83 7.67 11.05
N PRO A 714 18.03 8.39 12.16
CA PRO A 714 19.32 9.01 12.40
C PRO A 714 20.36 7.91 12.45
N TYR A 715 21.57 8.22 12.05
CA TYR A 715 22.61 7.22 12.06
C TYR A 715 22.91 6.61 13.44
N ASP A 716 22.62 7.35 14.51
CA ASP A 716 22.84 6.82 15.86
C ASP A 716 22.02 5.55 16.09
N THR A 717 20.88 5.45 15.41
CA THR A 717 19.96 4.32 15.57
C THR A 717 20.41 2.92 15.13
N ILE A 718 21.39 2.84 14.24
CA ILE A 718 21.86 1.54 13.74
C ILE A 718 22.38 0.70 14.90
N ASP A 719 21.85 -0.51 15.02
CA ASP A 719 22.23 -1.39 16.11
C ASP A 719 23.14 -2.57 15.73
N GLN A 720 23.46 -2.75 14.46
CA GLN A 720 24.32 -3.85 14.04
C GLN A 720 25.44 -3.40 13.11
N TYR A 721 26.64 -3.96 13.29
CA TYR A 721 27.83 -3.58 12.56
C TYR A 721 28.63 -4.81 12.20
N VAL A 722 29.45 -4.71 11.15
CA VAL A 722 30.39 -5.78 10.85
C VAL A 722 31.31 -5.96 12.06
N ASN A 723 31.51 -7.20 12.49
CA ASN A 723 32.23 -7.47 13.72
C ASN A 723 33.55 -6.72 13.78
N ASN A 724 33.79 -6.11 14.93
CA ASN A 724 35.04 -5.42 15.26
C ASN A 724 35.21 -4.11 14.51
N THR A 725 34.23 -3.69 13.72
CA THR A 725 34.31 -2.45 12.95
C THR A 725 33.12 -1.56 13.24
N LYS A 726 33.13 -0.39 12.63
CA LYS A 726 31.96 0.48 12.64
C LYS A 726 31.32 0.57 11.26
N ILE A 727 31.44 -0.49 10.47
CA ILE A 727 30.74 -0.59 9.18
C ILE A 727 29.32 -1.04 9.48
N PRO A 728 28.32 -0.20 9.22
CA PRO A 728 26.95 -0.55 9.60
C PRO A 728 26.37 -1.63 8.67
N ILE A 729 25.50 -2.46 9.22
CA ILE A 729 24.87 -3.55 8.46
C ILE A 729 23.46 -3.13 8.08
N PRO A 730 23.14 -3.02 6.79
CA PRO A 730 21.79 -2.62 6.39
C PRO A 730 20.77 -3.68 6.77
N THR A 731 19.57 -3.21 7.15
CA THR A 731 18.45 -4.11 7.36
C THR A 731 17.88 -4.62 6.05
N HIS A 732 17.97 -3.80 4.99
CA HIS A 732 17.43 -4.12 3.67
C HIS A 732 18.36 -3.55 2.60
N TYR A 733 18.24 -4.10 1.38
CA TYR A 733 18.89 -3.54 0.17
C TYR A 733 17.80 -3.25 -0.86
N PHE A 734 17.76 -2.02 -1.37
CA PHE A 734 16.72 -1.67 -2.34
C PHE A 734 17.30 -1.72 -3.74
N VAL A 735 16.43 -2.00 -4.70
CA VAL A 735 16.72 -1.98 -6.13
C VAL A 735 15.51 -1.42 -6.85
N VAL A 736 15.72 -0.39 -7.68
CA VAL A 736 14.64 0.22 -8.45
C VAL A 736 14.97 0.10 -9.92
N LEU A 737 14.15 -0.66 -10.65
CA LEU A 737 14.38 -0.96 -12.07
C LEU A 737 13.42 -0.13 -12.91
N THR A 738 13.96 0.71 -13.79
CA THR A 738 13.14 1.56 -14.64
C THR A 738 13.35 1.19 -16.10
N SER A 739 12.25 1.02 -16.84
CA SER A 739 12.29 0.79 -18.28
C SER A 739 11.06 1.44 -18.88
N CYS A 740 10.81 1.17 -20.16
CA CYS A 740 9.69 1.80 -20.86
C CYS A 740 8.52 0.83 -20.95
N GLU A 741 7.33 1.33 -20.65
CA GLU A 741 6.13 0.51 -20.82
C GLU A 741 5.98 0.07 -22.26
N ASN A 742 6.44 0.91 -23.20
CA ASN A 742 6.54 0.49 -24.60
C ASN A 742 7.93 -0.08 -24.84
N SER A 743 8.00 -1.40 -24.94
CA SER A 743 9.30 -2.07 -24.99
C SER A 743 10.01 -1.84 -26.30
N THR A 744 9.41 -1.17 -27.29
CA THR A 744 10.19 -0.70 -28.42
C THR A 744 11.14 0.42 -28.03
N LYS A 745 10.95 1.03 -26.87
CA LYS A 745 11.88 2.04 -26.37
C LYS A 745 12.72 1.49 -25.23
N THR A 746 13.82 2.16 -24.99
CA THR A 746 14.79 1.86 -23.93
C THR A 746 14.48 2.72 -22.71
N PRO A 747 15.12 2.46 -21.57
CA PRO A 747 14.93 3.37 -20.43
C PRO A 747 15.36 4.80 -20.69
N LEU A 748 16.03 5.09 -21.82
CA LEU A 748 16.60 6.41 -22.09
C LEU A 748 15.81 7.23 -23.10
N ASN A 749 14.99 6.60 -23.93
CA ASN A 749 14.19 7.32 -24.93
C ASN A 749 12.71 7.11 -24.69
N CYS A 750 12.35 6.73 -23.48
CA CYS A 750 10.96 6.53 -23.09
C CYS A 750 10.33 7.89 -22.81
N PRO A 751 9.14 8.16 -23.32
CA PRO A 751 8.40 9.33 -22.84
C PRO A 751 8.11 9.17 -21.36
N PRO A 752 8.28 10.24 -20.58
CA PRO A 752 8.22 10.11 -19.11
C PRO A 752 6.91 9.52 -18.62
N GLY A 753 5.79 9.80 -19.30
CA GLY A 753 4.50 9.25 -18.94
C GLY A 753 4.39 7.75 -19.11
N SER A 754 5.34 7.12 -19.81
CA SER A 754 5.29 5.70 -20.14
C SER A 754 6.37 4.88 -19.43
N LEU A 755 7.05 5.44 -18.43
CA LEU A 755 8.02 4.68 -17.69
C LEU A 755 7.38 3.54 -16.92
N LYS A 756 8.13 2.46 -16.84
CA LYS A 756 7.74 1.25 -16.14
C LYS A 756 8.73 1.06 -14.99
N VAL A 757 8.22 0.91 -13.76
CA VAL A 757 9.10 0.74 -12.61
C VAL A 757 8.79 -0.59 -11.91
N LEU A 758 9.86 -1.24 -11.45
CA LEU A 758 9.78 -2.43 -10.59
C LEU A 758 10.81 -2.23 -9.48
N SER A 759 10.35 -2.07 -8.24
CA SER A 759 11.24 -1.87 -7.11
C SER A 759 11.14 -3.04 -6.16
N PHE A 760 12.26 -3.35 -5.52
CA PHE A 760 12.38 -4.37 -4.49
C PHE A 760 12.99 -3.74 -3.24
N ILE A 761 12.51 -4.19 -2.09
CA ILE A 761 13.15 -3.90 -0.81
C ILE A 761 13.49 -5.24 -0.18
N LEU A 762 14.73 -5.69 -0.36
CA LEU A 762 15.08 -7.06 0.02
C LEU A 762 15.55 -7.11 1.46
N PRO A 763 14.92 -7.89 2.32
CA PRO A 763 15.43 -8.07 3.69
C PRO A 763 16.84 -8.63 3.69
N HIS A 764 17.72 -8.00 4.47
CA HIS A 764 19.11 -8.42 4.53
C HIS A 764 19.24 -9.44 5.68
N ARG A 765 18.95 -10.73 5.38
CA ARG A 765 18.92 -11.69 6.47
C ARG A 765 20.12 -12.62 6.42
N PRO A 766 20.51 -13.15 7.58
CA PRO A 766 21.68 -14.04 7.64
C PRO A 766 21.42 -15.45 7.13
N ASP A 767 20.17 -15.85 6.91
CA ASP A 767 19.91 -17.15 6.30
C ASP A 767 18.79 -16.97 5.28
N ASN A 768 18.49 -18.04 4.57
CA ASN A 768 17.40 -18.08 3.60
C ASN A 768 16.27 -19.00 4.07
N SER A 769 16.02 -19.01 5.40
CA SER A 769 14.92 -19.81 5.93
C SER A 769 13.56 -19.30 5.47
N GLU A 770 13.42 -17.99 5.19
CA GLU A 770 12.19 -17.47 4.60
C GLU A 770 11.89 -18.18 3.28
N SER A 771 12.91 -18.57 2.54
CA SER A 771 12.69 -19.30 1.30
C SER A 771 12.80 -20.79 1.48
N CYS A 772 12.99 -21.28 2.70
CA CYS A 772 13.25 -22.70 2.95
C CYS A 772 14.34 -23.25 2.02
N ALA A 773 15.39 -22.44 1.81
CA ALA A 773 16.38 -22.73 0.77
C ALA A 773 17.79 -22.99 1.27
N ASP A 774 18.03 -22.97 2.58
CA ASP A 774 19.39 -23.17 3.06
C ASP A 774 19.91 -24.56 2.72
N LYS A 775 19.02 -25.56 2.65
CA LYS A 775 19.40 -26.89 2.17
C LYS A 775 19.08 -27.10 0.69
N SER A 776 18.72 -26.04 -0.04
CA SER A 776 18.34 -26.12 -1.45
C SER A 776 19.59 -26.10 -2.33
N PRO A 777 19.69 -27.00 -3.32
CA PRO A 777 20.90 -27.08 -4.16
C PRO A 777 20.86 -26.19 -5.40
N ASP A 778 19.80 -25.40 -5.57
CA ASP A 778 19.62 -24.56 -6.74
C ASP A 778 19.21 -23.18 -6.25
N ASN A 779 18.96 -22.29 -7.20
CA ASN A 779 18.54 -20.94 -6.87
C ASN A 779 17.20 -20.57 -7.53
N LEU A 780 16.37 -21.57 -7.87
CA LEU A 780 15.09 -21.28 -8.50
C LEU A 780 14.08 -20.67 -7.53
N TRP A 781 14.42 -20.57 -6.24
CA TRP A 781 13.60 -19.95 -5.21
C TRP A 781 13.80 -18.46 -5.11
N VAL A 782 14.84 -17.92 -5.76
CA VAL A 782 15.18 -16.51 -5.59
C VAL A 782 14.09 -15.63 -6.18
N GLU A 783 13.67 -15.93 -7.40
CA GLU A 783 12.63 -15.11 -8.04
C GLU A 783 11.39 -15.04 -7.17
N GLU A 784 10.98 -16.17 -6.60
CA GLU A 784 9.76 -16.16 -5.78
C GLU A 784 9.95 -15.31 -4.55
N ARG A 785 11.10 -15.44 -3.89
CA ARG A 785 11.38 -14.63 -2.73
C ARG A 785 11.34 -13.14 -3.08
N MET A 786 11.96 -12.75 -4.19
CA MET A 786 11.99 -11.33 -4.53
C MET A 786 10.60 -10.81 -4.85
N GLN A 787 9.76 -11.66 -5.45
CA GLN A 787 8.42 -11.24 -5.89
C GLN A 787 7.54 -10.86 -4.72
N THR A 788 7.76 -11.43 -3.54
CA THR A 788 6.91 -11.03 -2.43
C THR A 788 7.45 -9.80 -1.73
N HIS A 789 8.63 -9.31 -2.15
CA HIS A 789 9.25 -8.15 -1.54
C HIS A 789 9.36 -6.97 -2.50
N THR A 790 8.46 -6.88 -3.49
CA THR A 790 8.42 -5.66 -4.28
C THR A 790 7.92 -4.51 -3.41
N ALA A 791 8.01 -3.30 -3.95
CA ALA A 791 7.60 -2.17 -3.14
C ALA A 791 7.32 -0.99 -4.06
N ARG A 792 6.65 0.03 -3.52
CA ARG A 792 6.47 1.27 -4.28
C ARG A 792 7.78 2.03 -4.24
N VAL A 793 8.06 2.83 -5.27
CA VAL A 793 9.22 3.72 -5.14
C VAL A 793 9.08 4.59 -3.90
N ARG A 794 7.85 4.98 -3.58
CA ARG A 794 7.61 5.79 -2.40
C ARG A 794 8.04 5.07 -1.12
N ASP A 795 7.89 3.74 -1.06
CA ASP A 795 8.39 3.03 0.13
C ASP A 795 9.91 3.15 0.23
N VAL A 796 10.59 3.06 -0.91
CA VAL A 796 12.05 3.15 -0.94
C VAL A 796 12.48 4.53 -0.48
N GLU A 797 11.81 5.55 -1.00
CA GLU A 797 12.12 6.93 -0.62
C GLU A 797 11.92 7.16 0.88
N LEU A 798 10.83 6.64 1.45
CA LEU A 798 10.61 6.81 2.89
C LEU A 798 11.72 6.16 3.70
N LEU A 799 12.16 4.98 3.29
CA LEU A 799 13.16 4.23 4.04
C LEU A 799 14.57 4.77 3.85
N THR A 800 14.84 5.49 2.74
CA THR A 800 16.18 5.99 2.43
C THR A 800 16.35 7.49 2.59
N GLY A 801 15.27 8.26 2.66
CA GLY A 801 15.45 9.70 2.59
C GLY A 801 15.89 10.21 1.24
N LEU A 802 15.76 9.41 0.19
CA LEU A 802 16.10 9.82 -1.16
C LEU A 802 14.83 10.20 -1.91
N ASP A 803 14.97 11.08 -2.89
CA ASP A 803 13.85 11.44 -3.74
C ASP A 803 14.24 11.26 -5.21
N PHE A 804 13.57 10.35 -5.90
CA PHE A 804 13.94 9.96 -7.24
C PHE A 804 13.15 10.73 -8.29
N TYR A 805 13.65 10.66 -9.53
CA TYR A 805 12.95 11.12 -10.74
C TYR A 805 12.76 12.63 -10.79
N SER A 806 13.63 13.41 -10.18
CA SER A 806 13.39 14.86 -10.14
C SER A 806 13.47 15.53 -11.52
N ALA A 807 14.13 14.92 -12.52
CA ALA A 807 14.30 15.59 -13.82
C ALA A 807 13.23 15.23 -14.85
N LEU A 808 12.28 14.37 -14.53
CA LEU A 808 11.26 13.98 -15.51
C LEU A 808 10.45 15.19 -15.99
N LYS A 809 10.34 15.35 -17.31
CA LYS A 809 9.61 16.48 -17.90
C LYS A 809 8.13 16.12 -18.04
N GLN A 810 7.47 16.10 -16.88
CA GLN A 810 6.03 15.89 -16.82
C GLN A 810 5.54 16.49 -15.52
N PRO A 811 4.24 16.71 -15.38
CA PRO A 811 3.70 17.22 -14.11
C PRO A 811 4.10 16.36 -12.91
N LEU A 812 4.41 17.04 -11.80
CA LEU A 812 4.77 16.32 -10.58
C LEU A 812 3.72 15.26 -10.24
N SER A 813 2.44 15.57 -10.44
CA SER A 813 1.39 14.64 -10.06
C SER A 813 1.47 13.35 -10.87
N GLU A 814 1.94 13.44 -12.12
CA GLU A 814 2.15 12.22 -12.91
C GLU A 814 3.29 11.40 -12.33
N THR A 815 4.37 12.07 -11.96
CA THR A 815 5.48 11.34 -11.37
C THR A 815 5.07 10.69 -10.05
N LEU A 816 4.11 11.28 -9.35
CA LEU A 816 3.67 10.72 -8.06
C LEU A 816 2.91 9.41 -8.27
N ARG A 817 2.16 9.32 -9.37
CA ARG A 817 1.52 8.08 -9.77
C ARG A 817 2.53 6.97 -9.94
N LEU A 818 3.59 7.28 -10.68
CA LEU A 818 4.68 6.32 -10.89
C LEU A 818 5.26 5.84 -9.58
N LYS A 819 5.44 6.77 -8.64
CA LYS A 819 6.10 6.46 -7.38
C LYS A 819 5.19 5.68 -6.42
N THR A 820 3.87 5.78 -6.56
CA THR A 820 2.97 5.03 -5.68
C THR A 820 2.59 3.67 -6.27
N PHE A 821 2.99 3.41 -7.51
CA PHE A 821 2.69 2.14 -8.14
C PHE A 821 3.32 0.98 -7.35
N LEU A 822 2.54 -0.08 -7.11
CA LEU A 822 3.07 -1.29 -6.50
C LEU A 822 3.15 -2.40 -7.54
N PRO A 823 4.34 -2.93 -7.83
CA PRO A 823 4.44 -4.06 -8.77
C PRO A 823 3.94 -5.34 -8.09
N ILE A 824 3.10 -6.09 -8.79
CA ILE A 824 2.56 -7.32 -8.24
C ILE A 824 2.72 -8.42 -9.28
N PHE A 825 3.31 -9.54 -8.87
CA PHE A 825 3.35 -10.76 -9.67
C PHE A 825 2.35 -11.84 -9.21
N ILE A 826 1.94 -11.88 -7.94
CA ILE A 826 1.30 -13.06 -7.33
C ILE A 826 0.03 -13.49 -8.05
N ASN A 827 -0.70 -12.55 -8.65
CA ASN A 827 -1.91 -12.91 -9.37
C ASN A 827 -1.62 -13.30 -10.80
N SER A 828 -0.45 -12.91 -11.30
CA SER A 828 0.07 -13.48 -12.53
C SER A 828 0.72 -14.83 -12.28
N VAL A 829 1.24 -15.04 -11.07
CA VAL A 829 1.88 -16.30 -10.68
C VAL A 829 1.16 -16.88 -9.46
C1 NAG B . 2.46 7.45 7.99
C2 NAG B . 3.91 7.37 8.33
C3 NAG B . 4.11 7.70 9.81
C4 NAG B . 3.45 9.02 10.17
C5 NAG B . 2.06 9.13 9.57
C6 NAG B . 1.51 10.55 9.74
C7 NAG B . 5.31 5.82 7.09
C8 NAG B . 5.78 4.41 6.95
N2 NAG B . 4.41 6.03 8.05
O3 NAG B . 5.51 7.78 10.08
O4 NAG B . 3.26 9.02 11.58
O5 NAG B . 2.06 8.80 8.18
O6 NAG B . 2.51 11.49 9.33
O7 NAG B . 5.72 6.72 6.37
C1 NAG B . 4.16 9.97 12.15
C2 NAG B . 3.64 10.46 13.48
C3 NAG B . 4.66 11.38 14.11
C4 NAG B . 6.05 10.78 14.16
C5 NAG B . 6.41 10.34 12.78
C6 NAG B . 7.83 9.79 12.80
C7 NAG B . 1.25 10.45 13.79
C8 NAG B . 0.03 11.26 13.73
N2 NAG B . 2.34 11.05 13.40
O3 NAG B . 4.21 11.67 15.40
O4 NAG B . 7.03 11.74 14.52
O5 NAG B . 5.43 9.42 12.38
O6 NAG B . 7.87 8.37 12.76
O7 NAG B . 1.21 9.33 14.18
C1 BMA B . 6.92 12.02 15.92
C2 BMA B . 8.26 12.03 16.62
C3 BMA B . 8.17 12.43 18.09
C4 BMA B . 6.94 13.31 18.46
C5 BMA B . 5.81 13.22 17.45
C6 BMA B . 4.70 14.24 17.68
O2 BMA B . 9.09 12.98 15.95
O3 BMA B . 9.41 13.10 18.43
O4 BMA B . 6.31 12.87 19.65
O5 BMA B . 6.37 13.28 16.16
O6 BMA B . 4.08 13.94 18.92
C1 MAN B . 10.44 12.08 18.63
C2 MAN B . 11.02 12.05 20.04
C3 MAN B . 12.37 12.82 20.20
C4 MAN B . 13.24 12.76 18.96
C5 MAN B . 12.45 12.96 17.67
C6 MAN B . 13.32 12.71 16.46
O2 MAN B . 11.13 10.70 20.53
O3 MAN B . 13.15 12.40 21.31
O4 MAN B . 14.29 13.72 19.14
O5 MAN B . 11.46 11.94 17.64
O6 MAN B . 13.98 13.90 16.10
C1 NAG C . 30.25 -11.78 14.85
C2 NAG C . 29.51 -12.61 13.80
C3 NAG C . 28.50 -13.50 14.50
C4 NAG C . 29.20 -14.34 15.56
C5 NAG C . 29.91 -13.41 16.50
C6 NAG C . 30.71 -14.20 17.51
C7 NAG C . 29.39 -11.53 11.68
C8 NAG C . 29.34 -10.12 11.22
N2 NAG C . 28.81 -11.82 12.82
O3 NAG C . 27.94 -14.37 13.55
O4 NAG C . 28.27 -15.13 16.25
O5 NAG C . 30.83 -12.68 15.74
O6 NAG C . 31.76 -14.86 16.84
O7 NAG C . 29.96 -12.33 11.05
C1 NAG C . 28.52 -16.50 15.84
C2 NAG C . 28.35 -17.43 17.03
C3 NAG C . 28.54 -18.87 16.68
C4 NAG C . 27.76 -19.28 15.42
C5 NAG C . 27.74 -18.20 14.36
C6 NAG C . 26.60 -18.43 13.39
C7 NAG C . 28.74 -16.67 19.26
C8 NAG C . 29.65 -16.70 20.44
N2 NAG C . 29.24 -17.06 18.12
O3 NAG C . 28.04 -19.60 17.79
O4 NAG C . 28.31 -20.48 14.86
O5 NAG C . 27.52 -16.94 14.95
O6 NAG C . 26.88 -17.69 12.21
O7 NAG C . 27.59 -16.29 19.35
C1 FUC C . 32.16 -15.87 17.76
C2 FUC C . 33.20 -16.78 17.16
C3 FUC C . 34.33 -15.89 16.67
C4 FUC C . 34.90 -15.02 17.77
C5 FUC C . 33.79 -14.35 18.53
C6 FUC C . 34.29 -13.78 19.83
O2 FUC C . 32.53 -17.46 16.11
O3 FUC C . 35.39 -16.70 16.14
O4 FUC C . 35.57 -15.86 18.68
O5 FUC C . 32.78 -15.29 18.88
C1 NAG D . 5.24 1.70 -29.10
C2 NAG D . 3.76 1.58 -29.46
C3 NAG D . 3.59 1.53 -30.96
C4 NAG D . 4.29 2.71 -31.60
C5 NAG D . 5.75 2.74 -31.14
C6 NAG D . 6.48 3.95 -31.61
C7 NAG D . 1.96 0.57 -28.28
C8 NAG D . 1.38 -0.65 -27.66
N2 NAG D . 3.12 0.44 -28.88
O3 NAG D . 2.21 1.59 -31.27
O4 NAG D . 4.22 2.66 -33.02
O5 NAG D . 5.73 2.83 -29.75
O6 NAG D . 5.63 5.05 -31.55
O7 NAG D . 1.37 1.61 -28.20
C1 FUC D . 6.40 6.21 -31.36
C2 FUC D . 5.50 7.44 -31.33
C3 FUC D . 4.52 7.38 -30.18
C4 FUC D . 5.20 6.99 -28.89
C5 FUC D . 6.18 5.86 -29.04
C6 FUC D . 6.95 5.69 -27.74
O2 FUC D . 4.80 7.58 -32.57
O3 FUC D . 4.00 8.66 -29.90
O4 FUC D . 5.84 8.17 -28.46
O5 FUC D . 7.06 6.11 -30.11
C1 NAG E . -7.41 -10.02 27.68
C2 NAG E . -7.42 -10.10 29.22
C3 NAG E . -6.55 -11.25 29.70
C4 NAG E . -6.97 -12.55 29.02
C5 NAG E . -6.95 -12.35 27.51
C6 NAG E . -7.46 -13.55 26.76
C7 NAG E . -7.89 -7.92 30.25
C8 NAG E . -7.31 -6.74 30.94
N2 NAG E . -7.02 -8.86 29.86
O3 NAG E . -6.62 -11.42 31.11
O4 NAG E . -6.09 -13.60 29.40
O5 NAG E . -7.80 -11.26 27.14
O6 NAG E . -7.05 -13.50 25.40
O7 NAG E . -9.09 -8.02 30.02
C1 NAG F . -7.59 16.97 18.71
C2 NAG F . -6.69 17.09 17.48
C3 NAG F . -5.94 18.43 17.49
C4 NAG F . -6.90 19.59 17.74
C5 NAG F . -7.78 19.31 18.95
C6 NAG F . -8.79 20.43 19.16
C7 NAG F . -5.86 15.00 16.57
C8 NAG F . -4.86 13.89 16.70
N2 NAG F . -5.74 16.00 17.44
O3 NAG F . -5.29 18.61 16.23
O4 NAG F . -6.14 20.78 17.96
O5 NAG F . -8.47 18.08 18.76
O6 NAG F . -9.42 20.74 17.91
O7 NAG F . -6.74 14.99 15.72
C1 NAG G . -32.22 -2.24 15.28
C2 NAG G . -33.09 -1.96 16.51
C3 NAG G . -34.43 -2.71 16.44
C4 NAG G . -35.06 -2.67 15.05
C5 NAG G . -34.02 -3.01 13.99
C6 NAG G . -34.54 -2.94 12.58
C7 NAG G . -31.95 -1.50 18.66
C8 NAG G . -31.21 -2.11 19.81
N2 NAG G . -32.36 -2.36 17.71
O3 NAG G . -35.33 -2.10 17.36
O4 NAG G . -36.12 -3.63 14.96
O5 NAG G . -32.98 -2.05 14.11
O6 NAG G . -35.08 -1.65 12.30
O7 NAG G . -32.18 -0.30 18.58
ZN ZN H . -16.11 -9.81 6.57
ZN ZN I . -15.34 -5.55 5.77
CA CA J . 13.15 3.75 10.78
P AMP K . -15.81 -8.70 9.07
O1P AMP K . -16.85 -9.49 8.31
O2P AMP K . -15.06 -9.49 10.12
O3P AMP K . -14.93 -7.86 8.20
O5' AMP K . -16.58 -7.63 9.97
C5' AMP K . -17.73 -6.96 9.49
C4' AMP K . -18.76 -6.84 10.59
O4' AMP K . -18.40 -5.76 11.49
C3' AMP K . -20.17 -6.47 10.15
O3' AMP K . -20.89 -7.58 9.63
C2' AMP K . -20.79 -5.91 11.43
O2' AMP K . -21.22 -6.97 12.27
C1' AMP K . -19.56 -5.25 12.10
N9 AMP K . -19.59 -3.79 11.95
C8 AMP K . -19.57 -3.10 10.78
N7 AMP K . -19.61 -1.75 10.99
C5 AMP K . -19.70 -1.58 12.33
C6 AMP K . -19.79 -0.43 13.22
N6 AMP K . -19.79 0.80 12.67
N1 AMP K . -19.86 -0.66 14.56
C2 AMP K . -19.84 -1.89 15.08
N3 AMP K . -19.75 -3.00 14.32
C4 AMP K . -19.68 -2.91 12.97
#